data_1EJB
#
_entry.id   1EJB
#
_cell.length_a   82.893
_cell.length_b   82.893
_cell.length_c   298.842
_cell.angle_alpha   90.00
_cell.angle_beta   90.00
_cell.angle_gamma   90.00
#
_symmetry.space_group_name_H-M   'P 41 21 2'
#
loop_
_entity.id
_entity.type
_entity.pdbx_description
1 polymer 'LUMAZINE SYNTHASE'
2 non-polymer '5-(6-D-RIBITYLAMINO-2,4-DIHYDROXYPYRIMIDIN-5-YL)-1-PENTYL-PHOSPHONIC ACID'
3 water water
#
_entity_poly.entity_id   1
_entity_poly.type   'polypeptide(L)'
_entity_poly.pdbx_seq_one_letter_code
;AVKGLGKPDQVYDGSKIRVGIIHARWNRVIIDALVKGAIERMASLGVEENNIIIETVPGSYELPWGTKRFVDRQAKLGKP
LDVVIPIGVLIKGSTMHFEYISDSTTHALMNLQEKVDMPVIFGLLTCMTEEQALARAGIDEAHSMHNHGEDWGAAAVEMA
VKFGKNAF
;
_entity_poly.pdbx_strand_id   A,B,C,D,E
#
# COMPACT_ATOMS: atom_id res chain seq x y z
N ALA A 1 -22.24 -28.21 26.51
CA ALA A 1 -21.94 -27.76 27.80
C ALA A 1 -22.23 -26.35 27.31
N VAL A 2 -23.15 -25.92 27.88
CA VAL A 2 -23.83 -24.66 27.55
C VAL A 2 -23.52 -23.64 28.63
N LYS A 3 -22.93 -22.49 28.31
CA LYS A 3 -22.62 -21.50 29.33
C LYS A 3 -22.71 -20.06 28.84
N GLY A 4 -22.61 -19.13 29.80
CA GLY A 4 -22.68 -17.70 29.43
C GLY A 4 -21.54 -17.33 28.48
N LEU A 5 -21.80 -16.47 27.49
CA LEU A 5 -20.75 -16.08 26.56
C LEU A 5 -19.97 -14.86 27.03
N GLY A 6 -20.22 -14.35 28.24
CA GLY A 6 -19.55 -13.21 28.82
C GLY A 6 -18.04 -13.35 29.04
N LYS A 7 -17.32 -12.25 28.88
CA LYS A 7 -15.87 -12.18 29.10
C LYS A 7 -15.62 -10.86 29.80
N PRO A 8 -14.73 -10.79 30.77
CA PRO A 8 -14.53 -9.61 31.57
C PRO A 8 -14.06 -8.37 30.84
N ASP A 9 -13.40 -8.49 29.70
CA ASP A 9 -12.97 -7.25 29.01
C ASP A 9 -13.90 -6.98 27.84
N GLN A 10 -15.02 -7.71 27.76
CA GLN A 10 -15.94 -7.54 26.64
C GLN A 10 -17.30 -7.03 27.10
N VAL A 11 -17.35 -6.53 28.32
CA VAL A 11 -18.62 -6.04 28.88
C VAL A 11 -19.01 -4.68 28.35
N TYR A 12 -19.76 -4.66 27.26
CA TYR A 12 -20.26 -3.48 26.61
C TYR A 12 -21.74 -3.65 26.32
N ASP A 13 -22.50 -2.61 26.59
CA ASP A 13 -23.95 -2.68 26.36
C ASP A 13 -24.24 -2.25 24.93
N GLY A 14 -24.61 -3.18 24.08
CA GLY A 14 -24.91 -2.93 22.68
C GLY A 14 -26.38 -2.65 22.41
N SER A 15 -27.18 -2.38 23.47
CA SER A 15 -28.61 -2.20 23.21
C SER A 15 -28.96 -1.07 22.25
N LYS A 16 -28.19 0.00 22.20
CA LYS A 16 -28.52 1.12 21.31
C LYS A 16 -27.84 1.05 19.95
N ILE A 17 -27.09 -0.01 19.63
CA ILE A 17 -26.42 0.07 18.32
C ILE A 17 -27.04 -0.77 17.27
N ARG A 18 -26.72 -0.40 16.00
CA ARG A 18 -27.16 -1.14 14.84
C ARG A 18 -25.89 -1.67 14.15
N VAL A 19 -25.84 -2.97 13.93
CA VAL A 19 -24.61 -3.56 13.34
C VAL A 19 -24.94 -4.19 12.00
N GLY A 20 -24.09 -3.94 11.00
CA GLY A 20 -24.25 -4.61 9.72
C GLY A 20 -23.24 -5.77 9.66
N ILE A 21 -23.67 -6.89 9.09
CA ILE A 21 -22.82 -8.02 8.80
C ILE A 21 -22.91 -8.19 7.29
N ILE A 22 -21.79 -8.13 6.58
CA ILE A 22 -21.90 -8.28 5.11
C ILE A 22 -20.95 -9.40 4.74
N HIS A 23 -21.46 -10.51 4.20
CA HIS A 23 -20.54 -11.64 4.00
C HIS A 23 -20.46 -12.12 2.58
N ALA A 24 -19.29 -12.65 2.21
CA ALA A 24 -19.05 -13.26 0.92
C ALA A 24 -19.74 -14.62 0.93
N ARG A 25 -19.86 -15.29 -0.20
CA ARG A 25 -20.59 -16.56 -0.24
C ARG A 25 -19.70 -17.72 -0.68
N TRP A 26 -18.43 -17.43 -0.88
CA TRP A 26 -17.41 -18.44 -1.18
C TRP A 26 -17.15 -19.20 0.11
N ASN A 27 -17.09 -20.53 0.11
CA ASN A 27 -16.87 -21.31 1.34
C ASN A 27 -18.00 -21.06 2.32
N ARG A 28 -19.23 -21.18 1.82
CA ARG A 28 -20.45 -20.87 2.56
C ARG A 28 -20.71 -21.60 3.84
N VAL A 29 -20.39 -22.87 4.01
CA VAL A 29 -20.61 -23.52 5.31
C VAL A 29 -19.79 -22.84 6.40
N ILE A 30 -18.55 -22.46 6.10
CA ILE A 30 -17.71 -21.77 7.09
C ILE A 30 -18.25 -20.36 7.33
N ILE A 31 -18.57 -19.64 6.25
CA ILE A 31 -19.16 -18.30 6.37
C ILE A 31 -20.35 -18.32 7.31
N ASP A 32 -21.33 -19.19 7.04
CA ASP A 32 -22.52 -19.29 7.89
C ASP A 32 -22.23 -19.49 9.36
N ALA A 33 -21.26 -20.33 9.72
CA ALA A 33 -20.90 -20.57 11.10
C ALA A 33 -20.29 -19.31 11.72
N LEU A 34 -19.45 -18.62 10.94
CA LEU A 34 -18.87 -17.37 11.48
C LEU A 34 -19.95 -16.32 11.74
N VAL A 35 -20.85 -16.13 10.79
CA VAL A 35 -21.96 -15.18 10.91
C VAL A 35 -22.80 -15.50 12.12
N LYS A 36 -23.13 -16.80 12.24
CA LYS A 36 -23.95 -17.20 13.38
C LYS A 36 -23.35 -16.86 14.72
N GLY A 37 -22.05 -17.11 14.82
CA GLY A 37 -21.31 -16.82 16.06
C GLY A 37 -21.31 -15.33 16.33
N ALA A 38 -21.09 -14.49 15.32
CA ALA A 38 -21.11 -13.04 15.56
C ALA A 38 -22.48 -12.60 16.04
N ILE A 39 -23.53 -13.11 15.39
CA ILE A 39 -24.89 -12.72 15.82
C ILE A 39 -25.14 -13.14 17.25
N GLU A 40 -24.79 -14.38 17.57
CA GLU A 40 -25.01 -14.88 18.92
C GLU A 40 -24.32 -14.02 19.96
N ARG A 41 -23.03 -13.71 19.69
CA ARG A 41 -22.33 -12.89 20.70
C ARG A 41 -22.91 -11.50 20.80
N MET A 42 -23.26 -10.85 19.70
CA MET A 42 -23.84 -9.51 19.81
C MET A 42 -25.19 -9.55 20.53
N ALA A 43 -25.99 -10.59 20.32
CA ALA A 43 -27.27 -10.73 21.03
C ALA A 43 -27.04 -10.85 22.53
N SER A 44 -26.01 -11.60 22.92
CA SER A 44 -25.62 -11.74 24.31
C SER A 44 -25.13 -10.43 24.91
N LEU A 45 -24.70 -9.46 24.08
CA LEU A 45 -24.30 -8.16 24.60
C LEU A 45 -25.43 -7.14 24.49
N GLY A 46 -26.64 -7.57 24.15
CA GLY A 46 -27.77 -6.63 24.14
C GLY A 46 -28.17 -6.11 22.77
N VAL A 47 -27.44 -6.41 21.70
CA VAL A 47 -27.86 -5.89 20.39
C VAL A 47 -29.19 -6.55 20.01
N GLU A 48 -30.14 -5.74 19.63
CA GLU A 48 -31.47 -6.26 19.28
C GLU A 48 -31.47 -6.90 17.92
N GLU A 49 -32.25 -7.98 17.79
CA GLU A 49 -32.38 -8.71 16.56
C GLU A 49 -32.77 -7.81 15.40
N ASN A 50 -33.66 -6.82 15.54
CA ASN A 50 -33.97 -5.98 14.37
C ASN A 50 -32.82 -5.02 14.03
N ASN A 51 -31.83 -4.90 14.90
CA ASN A 51 -30.70 -3.99 14.66
C ASN A 51 -29.47 -4.71 14.15
N ILE A 52 -29.61 -5.95 13.73
CA ILE A 52 -28.50 -6.71 13.11
C ILE A 52 -28.94 -6.89 11.65
N ILE A 53 -28.28 -6.22 10.74
CA ILE A 53 -28.61 -6.20 9.32
C ILE A 53 -27.66 -7.03 8.48
N ILE A 54 -28.15 -7.99 7.72
CA ILE A 54 -27.27 -8.86 6.94
C ILE A 54 -27.32 -8.55 5.46
N GLU A 55 -26.16 -8.56 4.82
CA GLU A 55 -26.06 -8.34 3.38
C GLU A 55 -25.00 -9.30 2.85
N THR A 56 -25.00 -9.60 1.55
CA THR A 56 -24.04 -10.56 1.01
C THR A 56 -23.42 -10.03 -0.26
N VAL A 57 -22.26 -10.58 -0.61
CA VAL A 57 -21.56 -10.26 -1.87
C VAL A 57 -21.02 -11.61 -2.38
N PRO A 58 -20.60 -11.70 -3.63
CA PRO A 58 -20.13 -12.95 -4.18
C PRO A 58 -18.85 -13.45 -3.54
N GLY A 59 -17.79 -12.66 -3.60
CA GLY A 59 -16.49 -13.08 -3.07
C GLY A 59 -15.90 -12.03 -2.14
N SER A 60 -14.80 -12.41 -1.44
CA SER A 60 -14.17 -11.49 -0.49
C SER A 60 -13.68 -10.23 -1.15
N TYR A 61 -13.25 -10.26 -2.41
CA TYR A 61 -12.81 -9.02 -3.04
C TYR A 61 -13.91 -7.97 -3.12
N GLU A 62 -15.19 -8.37 -3.13
CA GLU A 62 -16.30 -7.43 -3.21
C GLU A 62 -16.66 -6.89 -1.83
N LEU A 63 -16.01 -7.34 -0.77
CA LEU A 63 -16.35 -6.82 0.56
C LEU A 63 -16.13 -5.34 0.75
N PRO A 64 -15.04 -4.74 0.29
CA PRO A 64 -14.79 -3.33 0.54
C PRO A 64 -15.84 -2.42 -0.11
N TRP A 65 -16.07 -2.58 -1.43
CA TRP A 65 -17.07 -1.71 -2.06
C TRP A 65 -18.49 -2.10 -1.64
N GLY A 66 -18.70 -3.40 -1.43
CA GLY A 66 -20.04 -3.81 -0.95
C GLY A 66 -20.32 -3.17 0.39
N THR A 67 -19.33 -3.15 1.27
CA THR A 67 -19.51 -2.53 2.58
C THR A 67 -19.74 -1.03 2.43
N LYS A 68 -18.97 -0.36 1.58
CA LYS A 68 -19.15 1.08 1.40
C LYS A 68 -20.61 1.35 0.98
N ARG A 69 -21.08 0.62 -0.01
CA ARG A 69 -22.46 0.85 -0.52
C ARG A 69 -23.55 0.36 0.44
N PHE A 70 -23.30 -0.67 1.23
CA PHE A 70 -24.24 -1.16 2.25
C PHE A 70 -24.42 -0.07 3.29
N VAL A 71 -23.31 0.59 3.69
CA VAL A 71 -23.39 1.71 4.62
C VAL A 71 -24.21 2.84 4.00
N ASP A 72 -23.96 3.17 2.72
CA ASP A 72 -24.72 4.21 2.07
C ASP A 72 -26.23 3.85 2.07
N ARG A 73 -26.53 2.62 1.68
CA ARG A 73 -27.93 2.19 1.61
C ARG A 73 -28.63 2.33 2.96
N GLN A 74 -28.01 1.85 4.03
CA GLN A 74 -28.58 1.91 5.36
C GLN A 74 -28.80 3.35 5.81
N ALA A 75 -27.86 4.25 5.53
CA ALA A 75 -28.02 5.64 5.92
C ALA A 75 -29.18 6.29 5.14
N LYS A 76 -29.26 5.96 3.85
CA LYS A 76 -30.34 6.52 3.01
C LYS A 76 -31.70 6.04 3.48
N LEU A 77 -31.81 4.83 4.00
CA LEU A 77 -33.01 4.25 4.55
C LEU A 77 -33.38 4.82 5.91
N GLY A 78 -32.52 5.60 6.52
CA GLY A 78 -32.73 6.14 7.85
C GLY A 78 -32.53 5.09 8.94
N LYS A 79 -31.72 4.07 8.64
CA LYS A 79 -31.31 3.03 9.57
C LYS A 79 -29.78 2.86 9.51
N PRO A 80 -29.03 3.91 9.77
CA PRO A 80 -27.59 3.89 9.60
C PRO A 80 -26.92 2.88 10.53
N LEU A 81 -25.85 2.29 10.02
CA LEU A 81 -25.06 1.36 10.85
C LEU A 81 -24.14 2.13 11.78
N ASP A 82 -23.86 1.56 12.95
CA ASP A 82 -22.90 2.12 13.87
C ASP A 82 -21.54 1.40 13.70
N VAL A 83 -21.58 0.23 13.12
CA VAL A 83 -20.36 -0.60 12.96
C VAL A 83 -20.70 -1.69 11.98
N VAL A 84 -19.71 -2.19 11.21
CA VAL A 84 -20.00 -3.21 10.23
C VAL A 84 -18.91 -4.29 10.33
N ILE A 85 -19.35 -5.53 10.16
CA ILE A 85 -18.48 -6.69 10.13
C ILE A 85 -18.47 -7.41 8.79
N PRO A 86 -17.53 -7.08 7.90
CA PRO A 86 -17.34 -7.79 6.65
C PRO A 86 -16.71 -9.16 6.93
N ILE A 87 -17.35 -10.19 6.39
CA ILE A 87 -16.88 -11.57 6.67
C ILE A 87 -16.62 -12.26 5.34
N GLY A 88 -15.43 -12.88 5.23
CA GLY A 88 -15.12 -13.62 3.99
C GLY A 88 -14.13 -14.73 4.41
N VAL A 89 -14.05 -15.76 3.59
CA VAL A 89 -13.16 -16.89 3.86
C VAL A 89 -12.33 -17.15 2.61
N LEU A 90 -11.03 -16.93 2.71
CA LEU A 90 -10.07 -17.14 1.66
C LEU A 90 -9.18 -18.32 2.04
N ILE A 91 -9.05 -19.23 1.10
CA ILE A 91 -8.26 -20.44 1.34
C ILE A 91 -7.26 -20.58 0.19
N LYS A 92 -5.98 -20.65 0.55
CA LYS A 92 -4.92 -20.74 -0.45
C LYS A 92 -5.18 -21.85 -1.45
N GLY A 93 -4.97 -21.58 -2.73
CA GLY A 93 -5.12 -22.57 -3.78
C GLY A 93 -3.75 -22.80 -4.43
N SER A 94 -3.68 -22.98 -5.74
CA SER A 94 -2.38 -23.19 -6.38
C SER A 94 -1.74 -21.91 -6.90
N THR A 95 -2.53 -20.87 -7.18
CA THR A 95 -1.92 -19.65 -7.73
C THR A 95 -1.69 -18.63 -6.63
N MET A 96 -1.38 -17.40 -7.05
CA MET A 96 -1.17 -16.29 -6.13
C MET A 96 -2.46 -15.50 -5.92
N HIS A 97 -3.58 -16.03 -6.43
CA HIS A 97 -4.84 -15.31 -6.25
C HIS A 97 -5.14 -15.07 -4.78
N PHE A 98 -4.97 -16.12 -3.96
CA PHE A 98 -5.22 -15.99 -2.54
C PHE A 98 -4.48 -14.80 -1.96
N GLU A 99 -3.18 -14.67 -2.21
CA GLU A 99 -2.38 -13.59 -1.68
C GLU A 99 -2.81 -12.22 -2.21
N TYR A 100 -3.01 -12.09 -3.53
CA TYR A 100 -3.40 -10.77 -4.05
C TYR A 100 -4.77 -10.34 -3.56
N ILE A 101 -5.75 -11.24 -3.50
CA ILE A 101 -7.07 -10.86 -2.98
C ILE A 101 -6.95 -10.57 -1.48
N SER A 102 -6.28 -11.43 -0.70
CA SER A 102 -6.17 -11.18 0.72
C SER A 102 -5.56 -9.83 1.03
N ASP A 103 -4.44 -9.54 0.40
CA ASP A 103 -3.68 -8.30 0.68
C ASP A 103 -4.49 -7.07 0.32
N SER A 104 -5.01 -6.99 -0.90
CA SER A 104 -5.78 -5.81 -1.28
C SER A 104 -7.08 -5.70 -0.47
N THR A 105 -7.75 -6.82 -0.17
CA THR A 105 -8.99 -6.72 0.61
C THR A 105 -8.70 -6.25 2.03
N THR A 106 -7.65 -6.81 2.65
CA THR A 106 -7.35 -6.39 4.03
C THR A 106 -7.02 -4.90 4.07
N HIS A 107 -6.13 -4.44 3.19
CA HIS A 107 -5.81 -2.99 3.22
C HIS A 107 -7.05 -2.13 2.94
N ALA A 108 -7.87 -2.53 1.97
CA ALA A 108 -9.07 -1.75 1.62
C ALA A 108 -10.05 -1.67 2.79
N LEU A 109 -10.26 -2.75 3.51
CA LEU A 109 -11.18 -2.75 4.67
C LEU A 109 -10.63 -1.83 5.75
N MET A 110 -9.30 -1.94 5.99
CA MET A 110 -8.71 -1.06 7.01
C MET A 110 -8.88 0.41 6.64
N ASN A 111 -8.62 0.74 5.37
CA ASN A 111 -8.67 2.14 4.93
C ASN A 111 -10.09 2.62 4.70
N LEU A 112 -11.04 1.71 4.65
CA LEU A 112 -12.46 2.09 4.40
C LEU A 112 -13.04 2.80 5.60
N GLN A 113 -12.53 2.52 6.83
CA GLN A 113 -13.11 3.12 8.02
C GLN A 113 -13.23 4.63 8.00
N GLU A 114 -12.20 5.33 7.50
CA GLU A 114 -12.26 6.80 7.42
C GLU A 114 -13.36 7.23 6.45
N LYS A 115 -13.56 6.42 5.40
CA LYS A 115 -14.56 6.73 4.38
C LYS A 115 -15.99 6.47 4.84
N VAL A 116 -16.27 5.36 5.51
CA VAL A 116 -17.63 5.09 6.04
C VAL A 116 -17.78 5.74 7.40
N ASP A 117 -16.71 6.24 8.01
CA ASP A 117 -16.73 6.96 9.26
C ASP A 117 -17.30 6.12 10.40
N MET A 118 -16.90 4.86 10.44
CA MET A 118 -17.31 3.93 11.50
C MET A 118 -16.28 2.80 11.55
N PRO A 119 -16.23 2.05 12.64
CA PRO A 119 -15.33 0.92 12.75
C PRO A 119 -15.74 -0.19 11.81
N VAL A 120 -14.74 -0.85 11.20
CA VAL A 120 -15.00 -1.96 10.28
C VAL A 120 -14.20 -3.12 10.87
N ILE A 121 -14.87 -4.13 11.41
CA ILE A 121 -14.25 -5.26 12.08
C ILE A 121 -13.60 -6.18 11.07
N PHE A 122 -12.42 -6.72 11.35
CA PHE A 122 -11.77 -7.59 10.34
C PHE A 122 -12.22 -9.04 10.48
N GLY A 123 -13.22 -9.40 9.66
CA GLY A 123 -13.80 -10.73 9.69
C GLY A 123 -13.37 -11.60 8.53
N LEU A 124 -12.17 -11.41 8.00
CA LEU A 124 -11.72 -12.21 6.88
C LEU A 124 -10.84 -13.35 7.39
N LEU A 125 -11.13 -14.59 7.03
CA LEU A 125 -10.18 -15.67 7.37
C LEU A 125 -9.22 -15.80 6.18
N THR A 126 -7.94 -15.94 6.44
CA THR A 126 -6.96 -16.05 5.34
C THR A 126 -6.12 -17.29 5.67
N CYS A 127 -6.70 -18.43 5.35
CA CYS A 127 -6.17 -19.73 5.70
C CYS A 127 -5.41 -20.42 4.58
N MET A 128 -4.52 -21.32 5.01
CA MET A 128 -3.76 -22.10 4.04
C MET A 128 -4.59 -23.30 3.62
N THR A 129 -5.44 -23.80 4.52
CA THR A 129 -6.25 -24.98 4.29
C THR A 129 -7.68 -24.82 4.79
N GLU A 130 -8.55 -25.68 4.25
CA GLU A 130 -9.95 -25.75 4.63
C GLU A 130 -10.06 -26.15 6.10
N GLU A 131 -9.24 -27.13 6.54
CA GLU A 131 -9.30 -27.53 7.94
C GLU A 131 -8.99 -26.35 8.86
N GLN A 132 -8.03 -25.50 8.51
CA GLN A 132 -7.75 -24.34 9.35
C GLN A 132 -8.98 -23.42 9.42
N ALA A 133 -9.61 -23.18 8.27
CA ALA A 133 -10.82 -22.34 8.23
C ALA A 133 -11.94 -22.95 9.04
N LEU A 134 -12.22 -24.26 8.85
CA LEU A 134 -13.23 -24.93 9.66
C LEU A 134 -12.97 -24.76 11.14
N ALA A 135 -11.72 -24.94 11.62
CA ALA A 135 -11.40 -24.82 13.04
C ALA A 135 -11.65 -23.41 13.59
N ARG A 136 -11.34 -22.41 12.78
CA ARG A 136 -11.53 -21.01 13.20
C ARG A 136 -12.97 -20.56 13.17
N ALA A 137 -13.88 -21.38 12.66
CA ALA A 137 -15.31 -21.12 12.68
C ALA A 137 -15.98 -22.05 13.69
N GLY A 138 -15.15 -22.82 14.40
CA GLY A 138 -15.58 -23.73 15.45
C GLY A 138 -16.32 -24.96 14.94
N ILE A 139 -16.10 -25.36 13.68
CA ILE A 139 -16.80 -26.47 13.09
C ILE A 139 -15.91 -27.59 12.58
N ASP A 140 -14.67 -27.68 13.04
CA ASP A 140 -13.80 -28.79 12.65
C ASP A 140 -14.31 -30.01 13.42
N GLU A 141 -14.06 -31.23 12.93
CA GLU A 141 -14.55 -32.40 13.67
C GLU A 141 -14.14 -32.32 15.13
N ALA A 142 -12.84 -32.10 15.36
CA ALA A 142 -12.23 -31.99 16.65
C ALA A 142 -12.70 -30.86 17.54
N HIS A 143 -13.20 -29.74 17.02
CA HIS A 143 -13.55 -28.58 17.87
C HIS A 143 -12.29 -28.13 18.62
N SER A 144 -11.22 -28.03 17.84
CA SER A 144 -9.89 -27.69 18.31
C SER A 144 -9.76 -26.27 18.82
N MET A 145 -10.47 -25.33 18.19
CA MET A 145 -10.33 -23.92 18.63
C MET A 145 -11.68 -23.39 19.08
N HIS A 146 -12.14 -22.29 18.53
CA HIS A 146 -13.46 -21.75 18.87
C HIS A 146 -13.90 -20.91 17.67
N ASN A 147 -15.17 -20.54 17.64
CA ASN A 147 -15.67 -19.74 16.53
C ASN A 147 -15.21 -18.29 16.64
N HIS A 148 -14.33 -17.84 15.74
CA HIS A 148 -13.81 -16.48 15.75
C HIS A 148 -14.90 -15.45 15.43
N GLY A 149 -16.00 -15.88 14.82
CA GLY A 149 -17.13 -14.98 14.59
C GLY A 149 -17.60 -14.40 15.91
N GLU A 150 -17.61 -15.14 17.03
CA GLU A 150 -17.96 -14.60 18.31
C GLU A 150 -17.10 -13.40 18.72
N ASP A 151 -15.78 -13.55 18.57
CA ASP A 151 -14.86 -12.46 18.89
C ASP A 151 -15.18 -11.22 18.03
N TRP A 152 -15.49 -11.45 16.75
CA TRP A 152 -15.80 -10.31 15.90
C TRP A 152 -17.05 -9.58 16.34
N GLY A 153 -18.07 -10.34 16.78
CA GLY A 153 -19.30 -9.74 17.28
C GLY A 153 -19.00 -8.90 18.52
N ALA A 154 -18.17 -9.44 19.43
CA ALA A 154 -17.80 -8.69 20.62
C ALA A 154 -17.07 -7.41 20.26
N ALA A 155 -16.10 -7.53 19.32
CA ALA A 155 -15.33 -6.33 18.95
C ALA A 155 -16.21 -5.28 18.30
N ALA A 156 -17.21 -5.72 17.55
CA ALA A 156 -18.10 -4.77 16.88
C ALA A 156 -18.85 -3.92 17.89
N VAL A 157 -19.36 -4.57 18.95
CA VAL A 157 -20.08 -3.87 20.00
C VAL A 157 -19.15 -2.93 20.75
N GLU A 158 -17.98 -3.40 21.18
CA GLU A 158 -17.05 -2.54 21.88
C GLU A 158 -16.64 -1.33 21.05
N MET A 159 -16.27 -1.57 19.77
CA MET A 159 -15.84 -0.43 18.94
C MET A 159 -16.97 0.56 18.74
N ALA A 160 -18.20 0.11 18.50
CA ALA A 160 -19.31 1.04 18.34
C ALA A 160 -19.62 1.80 19.61
N VAL A 161 -19.63 1.10 20.75
CA VAL A 161 -19.97 1.74 22.02
C VAL A 161 -18.96 2.75 22.45
N LYS A 162 -17.69 2.38 22.30
CA LYS A 162 -16.57 3.21 22.74
C LYS A 162 -16.15 4.28 21.77
N PHE A 163 -16.16 3.94 20.48
CA PHE A 163 -15.63 4.85 19.48
C PHE A 163 -16.55 5.14 18.31
N GLY A 164 -17.81 4.67 18.38
CA GLY A 164 -18.67 4.90 17.19
C GLY A 164 -18.93 6.39 17.00
N LYS A 165 -19.48 6.74 15.86
CA LYS A 165 -19.86 8.12 15.52
C LYS A 165 -20.75 8.77 16.57
N ASN A 166 -21.65 8.00 17.17
CA ASN A 166 -22.54 8.56 18.19
C ASN A 166 -22.08 8.35 19.61
N ALA A 167 -20.86 7.85 19.83
CA ALA A 167 -20.40 7.59 21.19
C ALA A 167 -20.06 8.86 21.95
N PHE A 168 -19.63 9.91 21.28
CA PHE A 168 -19.26 11.13 21.96
C PHE A 168 -19.32 12.28 20.97
N ALA B 1 -9.81 -27.97 -9.53
CA ALA B 1 -8.91 -27.44 -8.51
C ALA B 1 -9.71 -27.06 -7.26
N VAL B 2 -10.65 -27.93 -6.95
CA VAL B 2 -11.55 -27.78 -5.79
C VAL B 2 -11.97 -26.33 -5.67
N LYS B 3 -13.21 -26.08 -6.04
CA LYS B 3 -13.78 -24.74 -6.03
C LYS B 3 -15.06 -24.65 -5.19
N GLY B 4 -15.07 -23.59 -4.42
CA GLY B 4 -16.20 -23.21 -3.57
C GLY B 4 -16.82 -21.96 -4.16
N LEU B 5 -17.74 -21.41 -3.42
CA LEU B 5 -18.46 -20.22 -3.83
C LEU B 5 -19.90 -20.58 -4.08
N GLY B 6 -20.74 -19.59 -4.00
CA GLY B 6 -22.16 -19.79 -4.17
C GLY B 6 -22.72 -18.87 -5.23
N LYS B 7 -23.90 -19.26 -5.63
CA LYS B 7 -24.69 -18.52 -6.58
C LYS B 7 -25.36 -17.41 -5.85
N PRO B 8 -25.69 -16.31 -6.49
CA PRO B 8 -26.25 -15.27 -5.78
C PRO B 8 -27.23 -15.79 -4.89
N ASP B 9 -27.52 -14.90 -4.07
CA ASP B 9 -28.47 -15.10 -3.07
C ASP B 9 -29.77 -14.92 -3.70
N GLN B 10 -29.63 -14.81 -5.02
CA GLN B 10 -30.81 -14.73 -5.87
C GLN B 10 -30.43 -14.76 -7.35
N VAL B 11 -31.46 -14.67 -8.18
CA VAL B 11 -31.21 -14.61 -9.61
C VAL B 11 -31.27 -13.12 -9.92
N TYR B 12 -30.14 -12.52 -10.24
CA TYR B 12 -30.13 -11.09 -10.51
C TYR B 12 -30.56 -10.82 -11.93
N ASP B 13 -31.39 -9.81 -12.09
CA ASP B 13 -31.84 -9.40 -13.43
C ASP B 13 -30.95 -8.24 -13.86
N GLY B 14 -30.09 -8.45 -14.83
CA GLY B 14 -29.19 -7.40 -15.32
C GLY B 14 -29.71 -6.66 -16.53
N SER B 15 -31.03 -6.80 -16.83
CA SER B 15 -31.56 -6.11 -18.01
C SER B 15 -31.39 -4.62 -18.07
N LYS B 16 -31.34 -3.85 -17.00
CA LYS B 16 -31.19 -2.42 -16.99
C LYS B 16 -29.73 -1.98 -16.87
N ILE B 17 -28.78 -2.90 -16.76
CA ILE B 17 -27.41 -2.38 -16.56
C ILE B 17 -26.53 -2.38 -17.79
N ARG B 18 -25.49 -1.52 -17.71
CA ARG B 18 -24.51 -1.40 -18.79
C ARG B 18 -23.16 -1.82 -18.18
N VAL B 19 -22.48 -2.76 -18.81
CA VAL B 19 -21.25 -3.31 -18.25
C VAL B 19 -20.08 -3.08 -19.19
N GLY B 20 -18.97 -2.61 -18.63
CA GLY B 20 -17.76 -2.43 -19.45
C GLY B 20 -16.83 -3.62 -19.16
N ILE B 21 -16.18 -4.13 -20.21
CA ILE B 21 -15.17 -5.17 -20.05
C ILE B 21 -13.94 -4.53 -20.70
N ILE B 22 -12.85 -4.38 -19.93
CA ILE B 22 -11.66 -3.78 -20.53
C ILE B 22 -10.51 -4.79 -20.30
N HIS B 23 -9.96 -5.29 -21.42
CA HIS B 23 -8.96 -6.36 -21.24
C HIS B 23 -7.60 -6.01 -21.81
N ALA B 24 -6.58 -6.55 -21.13
CA ALA B 24 -5.19 -6.48 -21.61
C ALA B 24 -5.06 -7.48 -22.76
N ARG B 25 -3.94 -7.44 -23.49
CA ARG B 25 -3.76 -8.30 -24.66
C ARG B 25 -2.55 -9.24 -24.50
N TRP B 26 -1.87 -9.24 -23.37
CA TRP B 26 -0.78 -10.20 -23.11
C TRP B 26 -1.48 -11.53 -22.83
N ASN B 27 -1.03 -12.67 -23.37
CA ASN B 27 -1.70 -13.95 -23.18
C ASN B 27 -3.09 -13.94 -23.78
N ARG B 28 -3.19 -13.44 -25.02
CA ARG B 28 -4.47 -13.23 -25.70
C ARG B 28 -5.40 -14.39 -25.87
N VAL B 29 -4.95 -15.63 -26.11
CA VAL B 29 -5.90 -16.75 -26.20
C VAL B 29 -6.65 -16.94 -24.90
N ILE B 30 -5.92 -16.78 -23.77
CA ILE B 30 -6.59 -16.97 -22.47
C ILE B 30 -7.55 -15.80 -22.22
N ILE B 31 -7.07 -14.60 -22.50
CA ILE B 31 -7.91 -13.39 -22.33
C ILE B 31 -9.25 -13.57 -23.04
N ASP B 32 -9.19 -13.96 -24.32
CA ASP B 32 -10.42 -14.09 -25.11
C ASP B 32 -11.40 -15.05 -24.49
N ALA B 33 -10.92 -16.18 -23.96
CA ALA B 33 -11.79 -17.17 -23.35
C ALA B 33 -12.46 -16.62 -22.11
N LEU B 34 -11.67 -15.89 -21.31
CA LEU B 34 -12.26 -15.27 -20.11
C LEU B 34 -13.34 -14.24 -20.46
N VAL B 35 -13.06 -13.39 -21.43
CA VAL B 35 -14.00 -12.36 -21.87
C VAL B 35 -15.31 -13.02 -22.35
N LYS B 36 -15.13 -14.08 -23.16
CA LYS B 36 -16.33 -14.75 -23.67
C LYS B 36 -17.19 -15.32 -22.56
N GLY B 37 -16.57 -15.91 -21.55
CA GLY B 37 -17.34 -16.49 -20.46
C GLY B 37 -18.10 -15.43 -19.65
N ALA B 38 -17.46 -14.27 -19.43
CA ALA B 38 -18.09 -13.17 -18.70
C ALA B 38 -19.29 -12.71 -19.55
N ILE B 39 -19.10 -12.53 -20.84
CA ILE B 39 -20.19 -12.09 -21.71
C ILE B 39 -21.36 -13.08 -21.67
N GLU B 40 -21.05 -14.36 -21.84
CA GLU B 40 -22.10 -15.37 -21.83
C GLU B 40 -22.88 -15.38 -20.53
N ARG B 41 -22.17 -15.36 -19.41
CA ARG B 41 -22.87 -15.33 -18.13
C ARG B 41 -23.71 -14.07 -17.98
N MET B 42 -23.17 -12.90 -18.35
CA MET B 42 -24.00 -11.71 -18.23
C MET B 42 -25.24 -11.77 -19.11
N ALA B 43 -25.08 -12.26 -20.34
CA ALA B 43 -26.23 -12.36 -21.27
C ALA B 43 -27.30 -13.29 -20.70
N SER B 44 -26.89 -14.37 -20.06
CA SER B 44 -27.79 -15.31 -19.42
C SER B 44 -28.53 -14.68 -18.23
N LEU B 45 -27.98 -13.61 -17.64
CA LEU B 45 -28.62 -12.88 -16.56
C LEU B 45 -29.40 -11.68 -17.09
N GLY B 46 -29.57 -11.55 -18.41
CA GLY B 46 -30.41 -10.48 -18.94
C GLY B 46 -29.76 -9.21 -19.40
N VAL B 47 -28.41 -9.12 -19.26
CA VAL B 47 -27.74 -7.92 -19.76
C VAL B 47 -27.85 -7.93 -21.29
N GLU B 48 -28.30 -6.84 -21.83
CA GLU B 48 -28.45 -6.73 -23.29
C GLU B 48 -27.07 -6.66 -23.95
N GLU B 49 -26.95 -7.26 -25.14
CA GLU B 49 -25.69 -7.23 -25.88
C GLU B 49 -25.25 -5.81 -26.21
N ASN B 50 -26.14 -4.88 -26.55
CA ASN B 50 -25.80 -3.51 -26.80
C ASN B 50 -25.29 -2.78 -25.57
N ASN B 51 -25.52 -3.33 -24.39
CA ASN B 51 -25.09 -2.73 -23.13
C ASN B 51 -23.85 -3.41 -22.53
N ILE B 52 -23.10 -4.16 -23.32
CA ILE B 52 -21.83 -4.76 -22.91
C ILE B 52 -20.80 -4.08 -23.83
N ILE B 53 -19.91 -3.29 -23.23
CA ILE B 53 -18.98 -2.47 -23.97
C ILE B 53 -17.54 -3.01 -23.80
N ILE B 54 -16.84 -3.31 -24.89
CA ILE B 54 -15.50 -3.87 -24.77
C ILE B 54 -14.41 -2.86 -25.14
N GLU B 55 -13.35 -2.85 -24.32
CA GLU B 55 -12.24 -1.94 -24.58
C GLU B 55 -10.95 -2.75 -24.28
N THR B 56 -9.80 -2.29 -24.79
CA THR B 56 -8.58 -3.06 -24.56
C THR B 56 -7.40 -2.13 -24.25
N VAL B 57 -6.41 -2.69 -23.55
CA VAL B 57 -5.16 -2.02 -23.23
C VAL B 57 -4.04 -3.03 -23.52
N PRO B 58 -2.80 -2.56 -23.62
CA PRO B 58 -1.71 -3.48 -23.96
C PRO B 58 -1.45 -4.50 -22.88
N GLY B 59 -1.18 -4.08 -21.64
CA GLY B 59 -0.85 -5.02 -20.58
C GLY B 59 -1.64 -4.82 -19.29
N SER B 60 -1.54 -5.76 -18.36
CA SER B 60 -2.33 -5.62 -17.12
C SER B 60 -2.05 -4.35 -16.36
N TYR B 61 -0.79 -3.84 -16.41
CA TYR B 61 -0.48 -2.61 -15.70
C TYR B 61 -1.33 -1.44 -16.20
N GLU B 62 -1.76 -1.44 -17.47
CA GLU B 62 -2.56 -0.36 -18.01
C GLU B 62 -4.05 -0.47 -17.62
N LEU B 63 -4.44 -1.53 -16.95
CA LEU B 63 -5.84 -1.70 -16.58
C LEU B 63 -6.39 -0.61 -15.68
N PRO B 64 -5.71 -0.20 -14.62
CA PRO B 64 -6.29 0.80 -13.72
C PRO B 64 -6.56 2.10 -14.43
N TRP B 65 -5.56 2.72 -15.09
CA TRP B 65 -5.83 4.02 -15.72
C TRP B 65 -6.73 3.87 -16.94
N GLY B 66 -6.54 2.76 -17.64
CA GLY B 66 -7.38 2.44 -18.80
C GLY B 66 -8.85 2.40 -18.36
N THR B 67 -9.09 1.74 -17.24
CA THR B 67 -10.46 1.63 -16.70
C THR B 67 -10.96 3.01 -16.30
N LYS B 68 -10.14 3.78 -15.59
CA LYS B 68 -10.54 5.14 -15.21
C LYS B 68 -10.98 5.93 -16.42
N ARG B 69 -10.18 5.95 -17.49
CA ARG B 69 -10.51 6.72 -18.68
C ARG B 69 -11.63 6.12 -19.51
N PHE B 70 -11.78 4.82 -19.52
CA PHE B 70 -12.90 4.14 -20.23
C PHE B 70 -14.20 4.58 -19.54
N VAL B 71 -14.25 4.61 -18.20
CA VAL B 71 -15.45 5.06 -17.47
C VAL B 71 -15.73 6.50 -17.86
N ASP B 72 -14.68 7.33 -17.86
CA ASP B 72 -14.84 8.71 -18.24
C ASP B 72 -15.42 8.85 -19.65
N ARG B 73 -14.86 8.15 -20.65
CA ARG B 73 -15.37 8.31 -22.01
C ARG B 73 -16.84 7.85 -22.12
N GLN B 74 -17.17 6.74 -21.52
CA GLN B 74 -18.56 6.24 -21.54
C GLN B 74 -19.49 7.29 -20.94
N ALA B 75 -19.12 7.86 -19.80
CA ALA B 75 -19.97 8.88 -19.18
C ALA B 75 -20.10 10.09 -20.10
N LYS B 76 -19.02 10.54 -20.72
CA LYS B 76 -19.01 11.70 -21.59
C LYS B 76 -19.91 11.47 -22.81
N LEU B 77 -19.96 10.24 -23.28
CA LEU B 77 -20.80 9.85 -24.41
C LEU B 77 -22.27 9.68 -24.04
N GLY B 78 -22.64 9.77 -22.78
CA GLY B 78 -24.01 9.59 -22.34
C GLY B 78 -24.38 8.13 -22.28
N LYS B 79 -23.38 7.25 -22.14
CA LYS B 79 -23.59 5.80 -22.01
C LYS B 79 -22.79 5.28 -20.82
N PRO B 80 -22.99 5.81 -19.65
CA PRO B 80 -22.20 5.47 -18.48
C PRO B 80 -22.32 4.02 -18.09
N LEU B 81 -21.19 3.52 -17.59
CA LEU B 81 -21.15 2.14 -17.13
C LEU B 81 -21.71 2.04 -15.72
N ASP B 82 -22.33 0.90 -15.41
CA ASP B 82 -22.79 0.69 -14.04
C ASP B 82 -21.78 -0.17 -13.28
N VAL B 83 -20.94 -0.88 -14.06
CA VAL B 83 -19.94 -1.78 -13.43
C VAL B 83 -18.90 -2.06 -14.50
N VAL B 84 -17.68 -2.37 -14.06
CA VAL B 84 -16.66 -2.67 -15.10
C VAL B 84 -15.86 -3.88 -14.60
N ILE B 85 -15.43 -4.65 -15.60
CA ILE B 85 -14.63 -5.84 -15.39
C ILE B 85 -13.28 -5.74 -16.13
N PRO B 86 -12.24 -5.29 -15.45
CA PRO B 86 -10.89 -5.27 -16.02
C PRO B 86 -10.36 -6.70 -16.00
N ILE B 87 -9.87 -7.17 -17.15
CA ILE B 87 -9.40 -8.56 -17.26
C ILE B 87 -7.96 -8.56 -17.76
N GLY B 88 -7.15 -9.34 -17.05
CA GLY B 88 -5.72 -9.40 -17.48
C GLY B 88 -5.25 -10.79 -17.03
N VAL B 89 -4.17 -11.23 -17.65
CA VAL B 89 -3.58 -12.53 -17.33
C VAL B 89 -2.07 -12.31 -17.15
N LEU B 90 -1.62 -12.55 -15.95
CA LEU B 90 -0.22 -12.39 -15.55
C LEU B 90 0.31 -13.78 -15.21
N ILE B 91 1.43 -14.14 -15.82
CA ILE B 91 2.01 -15.48 -15.59
C ILE B 91 3.48 -15.28 -15.16
N LYS B 92 3.79 -15.83 -14.00
CA LYS B 92 5.15 -15.66 -13.47
C LYS B 92 6.22 -16.01 -14.49
N GLY B 93 7.25 -15.16 -14.57
CA GLY B 93 8.37 -15.41 -15.48
C GLY B 93 9.63 -15.66 -14.62
N SER B 94 10.77 -15.22 -15.11
CA SER B 94 12.02 -15.38 -14.39
C SER B 94 12.33 -14.26 -13.42
N THR B 95 11.77 -13.07 -13.68
CA THR B 95 12.08 -11.96 -12.76
C THR B 95 10.94 -11.68 -11.79
N MET B 96 11.02 -10.54 -11.10
CA MET B 96 9.99 -10.17 -10.12
C MET B 96 8.95 -9.26 -10.75
N HIS B 97 9.00 -9.12 -12.07
CA HIS B 97 8.03 -8.28 -12.76
C HIS B 97 6.62 -8.77 -12.49
N PHE B 98 6.43 -10.10 -12.52
CA PHE B 98 5.09 -10.64 -12.25
C PHE B 98 4.54 -10.13 -10.91
N GLU B 99 5.35 -10.23 -9.86
CA GLU B 99 4.95 -9.78 -8.54
C GLU B 99 4.68 -8.28 -8.49
N TYR B 100 5.59 -7.46 -9.00
CA TYR B 100 5.39 -6.01 -8.90
C TYR B 100 4.19 -5.55 -9.71
N ILE B 101 3.99 -6.12 -10.90
CA ILE B 101 2.81 -5.70 -11.67
C ILE B 101 1.54 -6.22 -11.01
N SER B 102 1.52 -7.48 -10.59
CA SER B 102 0.32 -8.01 -9.94
C SER B 102 -0.07 -7.19 -8.71
N ASP B 103 0.89 -6.95 -7.82
CA ASP B 103 0.62 -6.25 -6.58
C ASP B 103 0.09 -4.85 -6.82
N SER B 104 0.80 -4.08 -7.67
CA SER B 104 0.34 -2.69 -7.84
C SER B 104 -0.96 -2.65 -8.62
N THR B 105 -1.15 -3.55 -9.58
CA THR B 105 -2.41 -3.52 -10.35
C THR B 105 -3.60 -3.92 -9.48
N THR B 106 -3.44 -4.94 -8.65
CA THR B 106 -4.53 -5.40 -7.79
C THR B 106 -4.94 -4.30 -6.82
N HIS B 107 -3.95 -3.71 -6.12
CA HIS B 107 -4.32 -2.61 -5.21
C HIS B 107 -4.98 -1.44 -5.93
N ALA B 108 -4.44 -1.08 -7.10
CA ALA B 108 -4.96 0.04 -7.88
C ALA B 108 -6.41 -0.24 -8.33
N LEU B 109 -6.68 -1.46 -8.79
CA LEU B 109 -8.07 -1.73 -9.20
C LEU B 109 -9.01 -1.69 -7.99
N MET B 110 -8.55 -2.24 -6.86
CA MET B 110 -9.39 -2.17 -5.65
C MET B 110 -9.70 -0.73 -5.27
N ASN B 111 -8.66 0.11 -5.20
CA ASN B 111 -8.81 1.50 -4.81
C ASN B 111 -9.46 2.37 -5.87
N LEU B 112 -9.53 1.92 -7.11
CA LEU B 112 -10.15 2.69 -8.18
C LEU B 112 -11.67 2.82 -8.00
N GLN B 113 -12.31 1.88 -7.32
CA GLN B 113 -13.77 1.88 -7.18
C GLN B 113 -14.31 3.18 -6.63
N GLU B 114 -13.65 3.73 -5.61
CA GLU B 114 -14.07 5.02 -5.06
C GLU B 114 -13.99 6.15 -6.06
N LYS B 115 -12.98 6.11 -6.91
CA LYS B 115 -12.73 7.14 -7.91
C LYS B 115 -13.70 7.03 -9.08
N VAL B 116 -14.02 5.81 -9.52
CA VAL B 116 -14.94 5.68 -10.68
C VAL B 116 -16.37 5.58 -10.14
N ASP B 117 -16.53 5.47 -8.83
CA ASP B 117 -17.79 5.40 -8.14
C ASP B 117 -18.70 4.29 -8.65
N MET B 118 -18.16 3.09 -8.81
CA MET B 118 -18.89 1.91 -9.25
C MET B 118 -18.04 0.69 -8.90
N PRO B 119 -18.63 -0.48 -8.85
CA PRO B 119 -17.91 -1.71 -8.60
C PRO B 119 -16.96 -2.04 -9.74
N VAL B 120 -15.78 -2.52 -9.37
CA VAL B 120 -14.74 -2.93 -10.33
C VAL B 120 -14.43 -4.39 -9.97
N ILE B 121 -14.88 -5.31 -10.81
CA ILE B 121 -14.71 -6.74 -10.57
C ILE B 121 -13.27 -7.18 -10.78
N PHE B 122 -12.78 -8.08 -9.95
CA PHE B 122 -11.34 -8.45 -10.07
C PHE B 122 -11.15 -9.58 -11.06
N GLY B 123 -10.83 -9.22 -12.31
CA GLY B 123 -10.68 -10.22 -13.36
C GLY B 123 -9.21 -10.39 -13.81
N LEU B 124 -8.30 -10.34 -12.85
CA LEU B 124 -6.90 -10.61 -13.12
C LEU B 124 -6.57 -12.07 -12.72
N LEU B 125 -5.92 -12.77 -13.64
CA LEU B 125 -5.40 -14.09 -13.26
C LEU B 125 -3.92 -13.82 -12.90
N THR B 126 -3.49 -14.36 -11.77
CA THR B 126 -2.10 -14.16 -11.31
C THR B 126 -1.55 -15.57 -11.09
N CYS B 127 -1.16 -16.19 -12.19
CA CYS B 127 -0.77 -17.61 -12.18
C CYS B 127 0.74 -17.84 -12.23
N MET B 128 1.16 -18.98 -11.67
CA MET B 128 2.58 -19.34 -11.73
C MET B 128 2.91 -19.95 -13.08
N THR B 129 1.96 -20.65 -13.72
CA THR B 129 2.19 -21.31 -14.98
C THR B 129 1.07 -21.04 -16.00
N GLU B 130 1.41 -21.23 -17.27
CA GLU B 130 0.43 -21.13 -18.34
C GLU B 130 -0.68 -22.13 -18.15
N GLU B 131 -0.34 -23.37 -17.72
CA GLU B 131 -1.36 -24.40 -17.52
C GLU B 131 -2.45 -23.94 -16.56
N GLN B 132 -1.99 -23.40 -15.44
CA GLN B 132 -2.91 -22.88 -14.43
C GLN B 132 -3.84 -21.84 -15.05
N ALA B 133 -3.31 -20.90 -15.81
CA ALA B 133 -4.14 -19.89 -16.48
C ALA B 133 -5.11 -20.51 -17.48
N LEU B 134 -4.64 -21.50 -18.26
CA LEU B 134 -5.52 -22.16 -19.22
C LEU B 134 -6.69 -22.81 -18.51
N ALA B 135 -6.41 -23.47 -17.38
CA ALA B 135 -7.43 -24.15 -16.63
C ALA B 135 -8.49 -23.20 -16.05
N ARG B 136 -8.03 -22.04 -15.59
CA ARG B 136 -8.94 -21.05 -14.99
C ARG B 136 -9.74 -20.27 -16.02
N ALA B 137 -9.50 -20.47 -17.31
CA ALA B 137 -10.27 -19.87 -18.39
C ALA B 137 -11.09 -20.98 -19.07
N GLY B 138 -11.05 -22.17 -18.51
CA GLY B 138 -11.76 -23.34 -18.99
C GLY B 138 -11.23 -23.92 -20.28
N ILE B 139 -9.97 -23.63 -20.65
CA ILE B 139 -9.44 -24.11 -21.91
C ILE B 139 -8.19 -24.98 -21.78
N ASP B 140 -7.89 -25.55 -20.64
CA ASP B 140 -6.74 -26.43 -20.53
C ASP B 140 -7.33 -27.79 -21.25
N GLU B 141 -6.40 -28.58 -21.72
CA GLU B 141 -6.74 -29.80 -22.47
C GLU B 141 -7.69 -30.69 -21.78
N ALA B 142 -7.56 -30.71 -20.46
CA ALA B 142 -8.29 -31.64 -19.63
C ALA B 142 -9.56 -31.08 -19.02
N HIS B 143 -9.82 -29.79 -19.19
CA HIS B 143 -11.01 -29.15 -18.62
C HIS B 143 -11.17 -29.49 -17.14
N SER B 144 -10.10 -29.28 -16.37
CA SER B 144 -10.02 -29.60 -14.96
C SER B 144 -10.89 -28.73 -14.07
N MET B 145 -10.98 -27.44 -14.38
CA MET B 145 -11.76 -26.51 -13.58
C MET B 145 -12.92 -25.95 -14.40
N HIS B 146 -13.08 -24.64 -14.45
CA HIS B 146 -14.13 -24.00 -15.24
C HIS B 146 -13.68 -22.58 -15.58
N ASN B 147 -14.38 -21.94 -16.51
CA ASN B 147 -14.04 -20.60 -16.92
C ASN B 147 -14.40 -19.57 -15.86
N HIS B 148 -13.39 -19.02 -15.18
CA HIS B 148 -13.60 -18.01 -14.15
C HIS B 148 -14.20 -16.74 -14.72
N GLY B 149 -14.08 -16.47 -16.01
CA GLY B 149 -14.73 -15.29 -16.60
C GLY B 149 -16.23 -15.35 -16.32
N GLU B 150 -16.87 -16.52 -16.33
CA GLU B 150 -18.28 -16.64 -15.99
C GLU B 150 -18.60 -16.08 -14.62
N ASP B 151 -17.78 -16.44 -13.60
CA ASP B 151 -17.99 -15.96 -12.25
C ASP B 151 -17.88 -14.42 -12.22
N TRP B 152 -16.94 -13.88 -12.99
CA TRP B 152 -16.77 -12.42 -13.01
C TRP B 152 -17.98 -11.74 -13.65
N GLY B 153 -18.58 -12.32 -14.68
CA GLY B 153 -19.80 -11.72 -15.25
C GLY B 153 -20.89 -11.76 -14.19
N ALA B 154 -21.07 -12.88 -13.52
CA ALA B 154 -22.10 -13.00 -12.50
C ALA B 154 -21.91 -11.96 -11.39
N ALA B 155 -20.66 -11.81 -10.94
CA ALA B 155 -20.40 -10.83 -9.88
C ALA B 155 -20.65 -9.41 -10.37
N ALA B 156 -20.36 -9.11 -11.62
CA ALA B 156 -20.61 -7.76 -12.15
C ALA B 156 -22.11 -7.44 -12.10
N VAL B 157 -22.95 -8.39 -12.50
CA VAL B 157 -24.40 -8.14 -12.47
C VAL B 157 -24.88 -7.97 -11.05
N GLU B 158 -24.47 -8.84 -10.14
CA GLU B 158 -24.91 -8.72 -8.75
C GLU B 158 -24.46 -7.40 -8.12
N MET B 159 -23.15 -7.06 -8.33
CA MET B 159 -22.71 -5.79 -7.70
C MET B 159 -23.41 -4.59 -8.28
N ALA B 160 -23.70 -4.55 -9.58
CA ALA B 160 -24.39 -3.44 -10.18
C ALA B 160 -25.85 -3.34 -9.70
N VAL B 161 -26.54 -4.48 -9.68
CA VAL B 161 -27.96 -4.47 -9.30
C VAL B 161 -28.14 -4.14 -7.84
N LYS B 162 -27.26 -4.68 -6.98
CA LYS B 162 -27.41 -4.47 -5.55
C LYS B 162 -26.78 -3.21 -5.03
N PHE B 163 -25.63 -2.81 -5.57
CA PHE B 163 -24.85 -1.70 -5.04
C PHE B 163 -24.45 -0.67 -6.07
N GLY B 164 -24.94 -0.78 -7.32
CA GLY B 164 -24.49 0.23 -8.30
C GLY B 164 -24.94 1.63 -7.92
N LYS B 165 -24.40 2.63 -8.60
CA LYS B 165 -24.75 4.03 -8.39
C LYS B 165 -26.26 4.25 -8.46
N ASN B 166 -26.90 3.58 -9.42
CA ASN B 166 -28.35 3.75 -9.61
C ASN B 166 -29.19 2.75 -8.85
N ALA B 167 -28.65 1.88 -8.01
CA ALA B 167 -29.45 0.88 -7.33
C ALA B 167 -30.36 1.47 -6.25
N PHE B 168 -29.99 2.56 -5.62
CA PHE B 168 -30.76 3.15 -4.53
C PHE B 168 -30.36 4.61 -4.37
N ALA C 1 6.61 -22.37 -25.92
CA ALA C 1 6.43 -21.28 -26.87
C ALA C 1 5.42 -20.26 -26.38
N VAL C 2 4.99 -20.18 -25.10
CA VAL C 2 3.92 -19.24 -25.23
C VAL C 2 3.89 -17.83 -24.81
N LYS C 3 2.88 -17.54 -25.59
CA LYS C 3 2.08 -16.45 -26.05
C LYS C 3 2.10 -15.07 -25.38
N GLY C 4 3.23 -14.49 -24.94
CA GLY C 4 3.21 -13.19 -24.19
C GLY C 4 2.55 -11.90 -24.79
N LEU C 5 3.40 -10.94 -25.12
CA LEU C 5 2.96 -9.65 -25.64
C LEU C 5 2.00 -9.86 -26.81
N GLY C 6 0.86 -9.18 -26.76
CA GLY C 6 -0.12 -9.34 -27.83
C GLY C 6 0.12 -8.31 -28.93
N LYS C 7 -0.42 -8.63 -30.12
CA LYS C 7 -0.34 -7.72 -31.26
C LYS C 7 -1.13 -6.48 -30.91
N PRO C 8 -0.64 -5.31 -31.31
CA PRO C 8 -1.38 -4.08 -31.09
C PRO C 8 -2.76 -4.31 -31.69
N ASP C 9 -3.80 -3.77 -31.04
CA ASP C 9 -5.15 -3.97 -31.54
C ASP C 9 -5.40 -3.20 -32.83
N GLN C 10 -4.65 -2.15 -33.11
CA GLN C 10 -4.77 -1.36 -34.32
C GLN C 10 -3.49 -0.54 -34.50
N VAL C 11 -3.34 0.09 -35.66
CA VAL C 11 -2.19 0.93 -35.92
C VAL C 11 -2.48 2.29 -35.31
N TYR C 12 -1.81 2.61 -34.19
CA TYR C 12 -2.07 3.90 -33.56
C TYR C 12 -1.25 4.95 -34.28
N ASP C 13 -1.88 6.09 -34.53
CA ASP C 13 -1.17 7.20 -35.16
C ASP C 13 -0.75 8.19 -34.07
N GLY C 14 0.53 8.22 -33.76
CA GLY C 14 1.04 9.07 -32.69
C GLY C 14 1.51 10.43 -33.16
N SER C 15 1.17 10.83 -34.40
CA SER C 15 1.66 12.10 -34.92
C SER C 15 1.30 13.32 -34.11
N LYS C 16 0.20 13.42 -33.37
CA LYS C 16 -0.08 14.64 -32.61
C LYS C 16 0.33 14.54 -31.15
N ILE C 17 0.92 13.42 -30.72
CA ILE C 17 1.21 13.37 -29.28
C ILE C 17 2.62 13.78 -28.92
N ARG C 18 2.77 14.17 -27.66
CA ARG C 18 4.11 14.50 -27.12
C ARG C 18 4.38 13.50 -26.01
N VAL C 19 5.56 12.84 -26.07
CA VAL C 19 5.86 11.82 -25.07
C VAL C 19 7.11 12.19 -24.29
N GLY C 20 7.05 12.02 -22.97
CA GLY C 20 8.26 12.24 -22.16
C GLY C 20 8.80 10.85 -21.82
N ILE C 21 10.14 10.78 -21.79
CA ILE C 21 10.85 9.60 -21.34
C ILE C 21 11.75 10.12 -20.21
N ILE C 22 11.63 9.58 -19.02
CA ILE C 22 12.48 10.05 -17.92
C ILE C 22 13.15 8.81 -17.35
N HIS C 23 14.50 8.80 -17.37
CA HIS C 23 15.18 7.56 -16.98
C HIS C 23 16.23 7.77 -15.88
N ALA C 24 16.39 6.74 -15.09
CA ALA C 24 17.39 6.69 -14.05
C ALA C 24 18.73 6.34 -14.73
N ARG C 25 19.82 6.47 -13.99
CA ARG C 25 21.14 6.27 -14.61
C ARG C 25 21.87 5.05 -14.08
N TRP C 26 21.32 4.28 -13.13
CA TRP C 26 21.95 3.05 -12.66
C TRP C 26 21.81 2.05 -13.82
N ASN C 27 22.85 1.28 -14.09
CA ASN C 27 22.78 0.28 -15.15
C ASN C 27 22.53 0.98 -16.48
N ARG C 28 23.32 2.00 -16.75
CA ARG C 28 23.18 2.91 -17.87
C ARG C 28 23.19 2.26 -19.24
N VAL C 29 24.04 1.28 -19.52
CA VAL C 29 24.05 0.66 -20.84
C VAL C 29 22.69 0.02 -21.11
N ILE C 30 22.13 -0.62 -20.10
CA ILE C 30 20.80 -1.24 -20.29
C ILE C 30 19.76 -0.15 -20.48
N ILE C 31 19.81 0.87 -19.64
CA ILE C 31 18.87 1.99 -19.75
C ILE C 31 18.85 2.54 -21.16
N ASP C 32 20.06 2.87 -21.68
CA ASP C 32 20.16 3.43 -23.02
C ASP C 32 19.53 2.58 -24.10
N ALA C 33 19.67 1.26 -24.01
CA ALA C 33 19.09 0.36 -25.00
C ALA C 33 17.55 0.41 -24.91
N LEU C 34 17.06 0.43 -23.68
CA LEU C 34 15.59 0.49 -23.50
C LEU C 34 15.04 1.78 -24.07
N VAL C 35 15.68 2.90 -23.77
CA VAL C 35 15.26 4.20 -24.27
C VAL C 35 15.25 4.24 -25.80
N LYS C 36 16.32 3.71 -26.42
CA LYS C 36 16.41 3.73 -27.88
C LYS C 36 15.28 2.95 -28.51
N GLY C 37 14.95 1.80 -27.92
CA GLY C 37 13.88 0.94 -28.41
C GLY C 37 12.55 1.68 -28.32
N ALA C 38 12.29 2.33 -27.19
CA ALA C 38 11.05 3.10 -27.02
C ALA C 38 10.98 4.20 -28.06
N ILE C 39 12.06 4.95 -28.27
CA ILE C 39 12.07 6.01 -29.27
C ILE C 39 11.81 5.42 -30.65
N GLU C 40 12.53 4.33 -30.99
CA GLU C 40 12.34 3.74 -32.32
C GLU C 40 10.91 3.30 -32.59
N ARG C 41 10.29 2.64 -31.60
CA ARG C 41 8.91 2.20 -31.82
C ARG C 41 7.98 3.40 -31.92
N MET C 42 8.15 4.42 -31.10
CA MET C 42 7.26 5.60 -31.18
C MET C 42 7.42 6.32 -32.51
N ALA C 43 8.64 6.47 -33.00
CA ALA C 43 8.84 7.09 -34.32
C ALA C 43 8.18 6.27 -35.41
N SER C 44 8.21 4.95 -35.32
CA SER C 44 7.57 4.10 -36.32
C SER C 44 6.06 4.29 -36.29
N LEU C 45 5.52 4.73 -35.16
CA LEU C 45 4.09 4.97 -35.02
C LEU C 45 3.75 6.42 -35.30
N GLY C 46 4.68 7.22 -35.82
CA GLY C 46 4.40 8.59 -36.19
C GLY C 46 4.72 9.68 -35.19
N VAL C 47 5.21 9.34 -33.99
CA VAL C 47 5.53 10.44 -33.06
C VAL C 47 6.73 11.19 -33.61
N GLU C 48 6.67 12.50 -33.68
CA GLU C 48 7.76 13.29 -34.20
C GLU C 48 8.90 13.31 -33.20
N GLU C 49 10.14 13.32 -33.74
CA GLU C 49 11.30 13.34 -32.87
C GLU C 49 11.31 14.58 -32.01
N ASN C 50 10.80 15.71 -32.50
CA ASN C 50 10.73 16.95 -31.75
C ASN C 50 9.74 16.89 -30.58
N ASN C 51 8.85 15.91 -30.60
CA ASN C 51 7.84 15.72 -29.56
C ASN C 51 8.18 14.58 -28.63
N ILE C 52 9.44 14.15 -28.62
CA ILE C 52 9.90 13.10 -27.70
C ILE C 52 10.87 13.83 -26.80
N ILE C 53 10.59 13.94 -25.51
CA ILE C 53 11.41 14.74 -24.61
C ILE C 53 12.07 13.82 -23.59
N ILE C 54 13.40 13.87 -23.47
CA ILE C 54 14.10 13.02 -22.54
C ILE C 54 14.60 13.74 -21.30
N GLU C 55 14.39 13.17 -20.13
CA GLU C 55 14.84 13.74 -18.86
C GLU C 55 15.49 12.62 -18.05
N THR C 56 16.31 12.92 -17.05
CA THR C 56 16.97 11.89 -16.30
C THR C 56 16.94 12.18 -14.80
N VAL C 57 17.09 11.14 -14.01
CA VAL C 57 17.21 11.21 -12.57
C VAL C 57 18.31 10.20 -12.15
N PRO C 58 18.83 10.33 -10.96
CA PRO C 58 19.91 9.48 -10.49
C PRO C 58 19.57 8.00 -10.40
N GLY C 59 18.53 7.67 -9.62
CA GLY C 59 18.15 6.27 -9.48
C GLY C 59 16.63 6.06 -9.59
N SER C 60 16.21 4.81 -9.61
CA SER C 60 14.79 4.51 -9.85
C SER C 60 13.88 5.11 -8.80
N TYR C 61 14.34 5.23 -7.54
CA TYR C 61 13.50 5.83 -6.52
C TYR C 61 13.15 7.27 -6.84
N GLU C 62 13.98 7.99 -7.61
CA GLU C 62 13.66 9.36 -7.99
C GLU C 62 12.69 9.45 -9.15
N LEU C 63 12.30 8.35 -9.76
CA LEU C 63 11.39 8.40 -10.90
C LEU C 63 10.03 8.99 -10.57
N PRO C 64 9.39 8.65 -9.47
CA PRO C 64 8.02 9.18 -9.24
C PRO C 64 7.98 10.69 -9.10
N TRP C 65 8.80 11.28 -8.22
CA TRP C 65 8.79 12.75 -8.08
C TRP C 65 9.39 13.45 -9.26
N GLY C 66 10.47 12.84 -9.82
CA GLY C 66 11.04 13.42 -11.05
C GLY C 66 9.98 13.47 -12.15
N THR C 67 9.20 12.42 -12.33
CA THR C 67 8.15 12.40 -13.35
C THR C 67 7.12 13.48 -13.04
N LYS C 68 6.70 13.60 -11.77
CA LYS C 68 5.73 14.62 -11.40
C LYS C 68 6.21 16.00 -11.80
N ARG C 69 7.49 16.29 -11.47
CA ARG C 69 8.04 17.61 -11.74
C ARG C 69 8.38 17.83 -13.20
N PHE C 70 8.74 16.78 -13.93
CA PHE C 70 9.00 16.86 -15.37
C PHE C 70 7.69 17.21 -16.09
N VAL C 71 6.60 16.60 -15.62
CA VAL C 71 5.27 16.92 -16.19
C VAL C 71 4.97 18.39 -15.92
N ASP C 72 5.21 18.84 -14.69
CA ASP C 72 4.96 20.25 -14.36
C ASP C 72 5.78 21.16 -15.24
N ARG C 73 7.07 20.91 -15.42
CA ARG C 73 7.94 21.79 -16.22
C ARG C 73 7.50 21.88 -17.68
N GLN C 74 7.12 20.74 -18.24
CA GLN C 74 6.65 20.69 -19.63
C GLN C 74 5.34 21.46 -19.80
N ALA C 75 4.46 21.33 -18.82
CA ALA C 75 3.19 22.09 -18.87
C ALA C 75 3.43 23.58 -18.74
N LYS C 76 4.34 23.99 -17.85
CA LYS C 76 4.64 25.41 -17.63
C LYS C 76 5.30 26.02 -18.85
N LEU C 77 6.04 25.24 -19.61
CA LEU C 77 6.66 25.68 -20.85
C LEU C 77 5.70 25.75 -22.03
N GLY C 78 4.47 25.31 -21.88
CA GLY C 78 3.51 25.31 -23.00
C GLY C 78 3.76 24.14 -23.93
N LYS C 79 4.38 23.07 -23.45
CA LYS C 79 4.64 21.86 -24.23
C LYS C 79 4.29 20.65 -23.39
N PRO C 80 3.05 20.54 -22.94
CA PRO C 80 2.63 19.50 -22.04
C PRO C 80 2.77 18.12 -22.63
N LEU C 81 3.09 17.16 -21.78
CA LEU C 81 3.18 15.78 -22.22
C LEU C 81 1.77 15.16 -22.28
N ASP C 82 1.60 14.25 -23.22
CA ASP C 82 0.38 13.47 -23.31
C ASP C 82 0.53 12.14 -22.59
N VAL C 83 1.77 11.69 -22.40
CA VAL C 83 2.06 10.40 -21.77
C VAL C 83 3.54 10.40 -21.36
N VAL C 84 3.89 9.63 -20.36
CA VAL C 84 5.30 9.61 -19.91
C VAL C 84 5.71 8.17 -19.65
N ILE C 85 6.99 7.89 -19.95
CA ILE C 85 7.57 6.58 -19.75
C ILE C 85 8.78 6.71 -18.81
N PRO C 86 8.59 6.49 -17.52
CA PRO C 86 9.69 6.42 -16.54
C PRO C 86 10.37 5.07 -16.75
N ILE C 87 11.70 5.12 -16.85
CA ILE C 87 12.49 3.91 -17.14
C ILE C 87 13.60 3.79 -16.09
N GLY C 88 13.69 2.58 -15.54
CA GLY C 88 14.70 2.35 -14.50
C GLY C 88 15.04 0.86 -14.53
N VAL C 89 16.27 0.54 -14.11
CA VAL C 89 16.70 -0.86 -14.09
C VAL C 89 17.20 -1.18 -12.68
N LEU C 90 16.51 -2.08 -12.04
CA LEU C 90 16.78 -2.48 -10.66
C LEU C 90 17.21 -3.95 -10.71
N ILE C 91 18.37 -4.19 -10.11
CA ILE C 91 18.89 -5.57 -10.13
C ILE C 91 19.16 -6.00 -8.69
N LYS C 92 18.63 -7.15 -8.31
CA LYS C 92 18.75 -7.62 -6.92
C LYS C 92 20.22 -7.72 -6.48
N GLY C 93 20.49 -7.16 -5.31
CA GLY C 93 21.85 -7.17 -4.76
C GLY C 93 21.86 -8.07 -3.54
N SER C 94 22.63 -7.69 -2.54
CA SER C 94 22.73 -8.52 -1.33
C SER C 94 21.73 -8.18 -0.23
N THR C 95 21.23 -6.96 -0.25
CA THR C 95 20.30 -6.51 0.82
C THR C 95 18.87 -6.51 0.30
N MET C 96 17.95 -5.96 1.09
CA MET C 96 16.54 -5.86 0.69
C MET C 96 16.24 -4.55 0.00
N HIS C 97 17.30 -3.80 -0.31
CA HIS C 97 17.11 -2.53 -1.02
C HIS C 97 16.37 -2.72 -2.33
N PHE C 98 16.76 -3.74 -3.09
CA PHE C 98 16.06 -3.96 -4.37
C PHE C 98 14.54 -4.06 -4.15
N GLU C 99 14.12 -4.88 -3.20
CA GLU C 99 12.70 -5.07 -2.95
C GLU C 99 12.00 -3.80 -2.49
N TYR C 100 12.57 -3.10 -1.53
CA TYR C 100 11.93 -1.88 -1.01
C TYR C 100 11.88 -0.79 -2.05
N ILE C 101 12.93 -0.60 -2.83
CA ILE C 101 12.85 0.41 -3.89
C ILE C 101 11.86 -0.04 -4.96
N SER C 102 11.92 -1.28 -5.41
CA SER C 102 11.04 -1.76 -6.46
C SER C 102 9.56 -1.61 -6.06
N ASP C 103 9.26 -2.04 -4.85
CA ASP C 103 7.86 -2.00 -4.37
C ASP C 103 7.34 -0.57 -4.28
N SER C 104 8.08 0.31 -3.57
CA SER C 104 7.55 1.67 -3.43
C SER C 104 7.55 2.41 -4.76
N THR C 105 8.55 2.20 -5.62
CA THR C 105 8.57 2.88 -6.91
C THR C 105 7.43 2.42 -7.80
N THR C 106 7.17 1.12 -7.86
CA THR C 106 6.08 0.63 -8.73
C THR C 106 4.74 1.19 -8.26
N HIS C 107 4.48 1.09 -6.95
CA HIS C 107 3.19 1.63 -6.47
C HIS C 107 3.08 3.13 -6.70
N ALA C 108 4.15 3.89 -6.49
CA ALA C 108 4.13 5.31 -6.70
C ALA C 108 3.90 5.67 -8.16
N LEU C 109 4.50 4.96 -9.11
CA LEU C 109 4.28 5.29 -10.52
C LEU C 109 2.83 4.99 -10.89
N MET C 110 2.32 3.87 -10.37
CA MET C 110 0.91 3.54 -10.68
C MET C 110 -0.02 4.62 -10.16
N ASN C 111 0.20 5.01 -8.90
CA ASN C 111 -0.66 6.01 -8.26
C ASN C 111 -0.40 7.43 -8.74
N LEU C 112 0.70 7.65 -9.43
CA LEU C 112 0.98 8.99 -9.93
C LEU C 112 0.06 9.42 -11.07
N GLN C 113 -0.47 8.45 -11.82
CA GLN C 113 -1.29 8.74 -12.98
C GLN C 113 -2.45 9.70 -12.67
N GLU C 114 -3.12 9.51 -11.56
CA GLU C 114 -4.23 10.42 -11.20
C GLU C 114 -3.71 11.82 -10.92
N LYS C 115 -2.49 11.94 -10.41
CA LYS C 115 -1.90 13.22 -10.06
C LYS C 115 -1.41 13.96 -11.29
N VAL C 116 -0.75 13.27 -12.21
CA VAL C 116 -0.25 13.95 -13.42
C VAL C 116 -1.36 13.95 -14.48
N ASP C 117 -2.43 13.20 -14.22
CA ASP C 117 -3.59 13.18 -15.13
C ASP C 117 -3.25 12.76 -16.54
N MET C 118 -2.43 11.71 -16.65
CA MET C 118 -2.05 11.13 -17.93
C MET C 118 -1.54 9.73 -17.66
N PRO C 119 -1.45 8.87 -18.68
CA PRO C 119 -0.96 7.53 -18.49
C PRO C 119 0.55 7.57 -18.21
N VAL C 120 0.97 6.69 -17.33
CA VAL C 120 2.41 6.56 -16.98
C VAL C 120 2.76 5.11 -17.26
N ILE C 121 3.57 4.85 -18.29
CA ILE C 121 3.92 3.49 -18.70
C ILE C 121 4.93 2.88 -17.74
N PHE C 122 4.83 1.59 -17.44
CA PHE C 122 5.69 0.94 -16.47
C PHE C 122 6.97 0.47 -17.17
N GLY C 123 8.00 1.29 -17.10
CA GLY C 123 9.26 0.95 -17.75
C GLY C 123 10.34 0.60 -16.73
N LEU C 124 10.01 -0.04 -15.63
CA LEU C 124 10.99 -0.46 -14.66
C LEU C 124 11.32 -1.94 -14.86
N LEU C 125 12.60 -2.27 -15.01
CA LEU C 125 13.02 -3.66 -15.01
C LEU C 125 13.33 -4.00 -13.55
N THR C 126 12.84 -5.12 -13.06
CA THR C 126 13.06 -5.54 -11.67
C THR C 126 13.61 -6.97 -11.79
N CYS C 127 14.90 -7.03 -12.07
CA CYS C 127 15.57 -8.29 -12.37
C CYS C 127 16.40 -8.87 -11.24
N MET C 128 16.53 -10.21 -11.24
CA MET C 128 17.40 -10.84 -10.24
C MET C 128 18.86 -10.74 -10.67
N THR C 129 19.14 -10.74 -11.97
CA THR C 129 20.48 -10.71 -12.52
C THR C 129 20.70 -9.68 -13.62
N GLU C 130 21.97 -9.34 -13.86
CA GLU C 130 22.31 -8.43 -14.96
C GLU C 130 21.96 -9.09 -16.28
N GLU C 131 22.24 -10.38 -16.44
CA GLU C 131 21.90 -11.09 -17.67
C GLU C 131 20.41 -10.97 -18.00
N GLN C 132 19.57 -11.10 -16.98
CA GLN C 132 18.12 -10.97 -17.23
C GLN C 132 17.80 -9.58 -17.77
N ALA C 133 18.37 -8.55 -17.15
CA ALA C 133 18.14 -7.17 -17.63
C ALA C 133 18.61 -6.96 -19.05
N LEU C 134 19.83 -7.44 -19.35
CA LEU C 134 20.39 -7.35 -20.69
C LEU C 134 19.46 -7.98 -21.71
N ALA C 135 18.96 -9.18 -21.39
CA ALA C 135 18.05 -9.87 -22.31
C ALA C 135 16.76 -9.09 -22.54
N ARG C 136 16.26 -8.45 -21.50
CA ARG C 136 15.00 -7.68 -21.63
C ARG C 136 15.16 -6.35 -22.31
N ALA C 137 16.39 -5.92 -22.59
CA ALA C 137 16.71 -4.71 -23.32
C ALA C 137 17.19 -5.07 -24.73
N GLY C 138 17.21 -6.37 -25.03
CA GLY C 138 17.63 -6.90 -26.33
C GLY C 138 19.15 -6.88 -26.55
N ILE C 139 19.93 -6.83 -25.48
CA ILE C 139 21.38 -6.72 -25.67
C ILE C 139 22.15 -7.86 -25.02
N ASP C 140 21.52 -8.99 -24.79
CA ASP C 140 22.29 -10.14 -24.26
C ASP C 140 23.07 -10.66 -25.47
N GLU C 141 24.22 -11.29 -25.26
CA GLU C 141 25.01 -11.84 -26.36
C GLU C 141 24.16 -12.73 -27.25
N ALA C 142 23.38 -13.65 -26.68
CA ALA C 142 22.54 -14.51 -27.49
C ALA C 142 21.24 -13.90 -27.99
N HIS C 143 20.86 -12.67 -27.67
CA HIS C 143 19.61 -12.09 -28.13
C HIS C 143 18.44 -13.05 -27.92
N SER C 144 18.25 -13.51 -26.70
CA SER C 144 17.26 -14.51 -26.37
C SER C 144 15.82 -14.03 -26.32
N MET C 145 15.59 -12.74 -26.14
CA MET C 145 14.24 -12.18 -26.05
C MET C 145 14.12 -11.03 -27.01
N HIS C 146 13.71 -9.84 -26.55
CA HIS C 146 13.65 -8.69 -27.44
C HIS C 146 13.67 -7.45 -26.54
N ASN C 147 13.82 -6.29 -27.12
CA ASN C 147 13.90 -5.06 -26.35
C ASN C 147 12.51 -4.65 -25.85
N HIS C 148 12.29 -4.76 -24.54
CA HIS C 148 11.02 -4.36 -23.94
C HIS C 148 10.76 -2.88 -24.07
N GLY C 149 11.79 -2.06 -24.27
CA GLY C 149 11.59 -0.63 -24.48
C GLY C 149 10.66 -0.41 -25.66
N GLU C 150 10.78 -1.24 -26.71
CA GLU C 150 9.88 -1.10 -27.85
C GLU C 150 8.42 -1.26 -27.40
N ASP C 151 8.14 -2.22 -26.55
CA ASP C 151 6.76 -2.44 -26.09
C ASP C 151 6.28 -1.21 -25.31
N TRP C 152 7.17 -0.62 -24.55
CA TRP C 152 6.77 0.55 -23.74
C TRP C 152 6.47 1.74 -24.63
N GLY C 153 7.24 1.89 -25.73
CA GLY C 153 6.92 2.99 -26.64
C GLY C 153 5.56 2.72 -27.29
N ALA C 154 5.26 1.50 -27.68
CA ALA C 154 3.97 1.19 -28.32
C ALA C 154 2.83 1.46 -27.34
N ALA C 155 2.98 1.00 -26.10
CA ALA C 155 1.99 1.23 -25.06
C ALA C 155 1.78 2.71 -24.83
N ALA C 156 2.83 3.53 -24.83
CA ALA C 156 2.66 4.97 -24.60
C ALA C 156 1.78 5.60 -25.68
N VAL C 157 2.03 5.22 -26.95
CA VAL C 157 1.23 5.79 -28.03
C VAL C 157 -0.22 5.35 -27.89
N GLU C 158 -0.45 4.06 -27.70
CA GLU C 158 -1.80 3.57 -27.55
C GLU C 158 -2.53 4.23 -26.37
N MET C 159 -1.89 4.31 -25.21
CA MET C 159 -2.58 4.91 -24.06
C MET C 159 -2.85 6.40 -24.30
N ALA C 160 -1.93 7.12 -24.90
CA ALA C 160 -2.16 8.54 -25.16
C ALA C 160 -3.26 8.76 -26.21
N VAL C 161 -3.21 7.97 -27.28
CA VAL C 161 -4.21 8.19 -28.34
C VAL C 161 -5.61 7.80 -27.91
N LYS C 162 -5.76 6.68 -27.20
CA LYS C 162 -7.06 6.22 -26.77
C LYS C 162 -7.57 6.84 -25.48
N PHE C 163 -6.67 7.11 -24.51
CA PHE C 163 -7.09 7.54 -23.19
C PHE C 163 -6.44 8.80 -22.67
N GLY C 164 -5.62 9.45 -23.49
CA GLY C 164 -4.96 10.67 -23.03
C GLY C 164 -5.95 11.76 -22.67
N LYS C 165 -5.43 12.80 -22.00
CA LYS C 165 -6.29 13.92 -21.61
C LYS C 165 -7.01 14.51 -22.80
N ASN C 166 -6.34 14.60 -23.95
CA ASN C 166 -6.93 15.18 -25.14
C ASN C 166 -7.62 14.22 -26.07
N ALA C 167 -7.77 12.95 -25.73
CA ALA C 167 -8.36 11.95 -26.60
C ALA C 167 -9.87 12.13 -26.76
N PHE C 168 -10.55 12.68 -25.78
CA PHE C 168 -11.99 12.86 -25.88
C PHE C 168 -12.45 13.90 -24.86
N ALA D 1 15.51 16.60 -34.00
CA ALA D 1 16.18 15.60 -33.11
C ALA D 1 15.40 15.38 -31.82
N VAL D 2 15.69 14.28 -31.13
CA VAL D 2 15.00 14.01 -29.86
C VAL D 2 15.60 14.93 -28.80
N LYS D 3 14.81 15.71 -28.08
CA LYS D 3 15.35 16.63 -27.10
C LYS D 3 15.96 15.87 -25.94
N GLY D 4 17.19 16.19 -25.54
CA GLY D 4 17.85 15.51 -24.44
C GLY D 4 18.49 14.17 -24.76
N LEU D 5 18.34 13.62 -25.95
CA LEU D 5 18.96 12.34 -26.27
C LEU D 5 20.48 12.53 -26.37
N GLY D 6 21.24 11.75 -25.62
CA GLY D 6 22.70 11.92 -25.64
C GLY D 6 23.22 13.06 -24.79
N LYS D 7 22.37 13.90 -24.20
CA LYS D 7 22.88 14.99 -23.34
C LYS D 7 23.76 14.31 -22.30
N PRO D 8 24.96 14.82 -22.06
CA PRO D 8 25.87 14.19 -21.13
C PRO D 8 25.43 14.34 -19.68
N ASP D 9 26.05 13.55 -18.78
CA ASP D 9 25.75 13.70 -17.35
C ASP D 9 26.34 15.02 -16.90
N GLN D 10 25.52 15.93 -16.39
CA GLN D 10 26.01 17.24 -16.00
C GLN D 10 26.39 17.41 -14.54
N VAL D 11 26.99 18.55 -14.22
CA VAL D 11 27.37 18.88 -12.85
C VAL D 11 26.32 19.86 -12.32
N TYR D 12 25.93 19.62 -11.08
CA TYR D 12 24.93 20.53 -10.50
C TYR D 12 25.56 21.46 -9.49
N ASP D 13 25.15 22.71 -9.59
CA ASP D 13 25.64 23.74 -8.70
C ASP D 13 24.64 23.89 -7.56
N GLY D 14 25.01 23.50 -6.36
CA GLY D 14 24.12 23.58 -5.20
C GLY D 14 24.27 24.84 -4.38
N SER D 15 24.96 25.87 -4.92
CA SER D 15 25.22 27.05 -4.12
C SER D 15 24.00 27.76 -3.58
N LYS D 16 22.88 27.78 -4.28
CA LYS D 16 21.70 28.47 -3.76
C LYS D 16 20.75 27.56 -3.00
N ILE D 17 21.04 26.29 -2.81
CA ILE D 17 20.04 25.46 -2.14
C ILE D 17 20.28 25.26 -0.66
N ARG D 18 19.16 24.91 0.02
CA ARG D 18 19.21 24.59 1.43
C ARG D 18 18.78 23.13 1.58
N VAL D 19 19.61 22.30 2.18
CA VAL D 19 19.32 20.88 2.32
C VAL D 19 19.15 20.48 3.76
N GLY D 20 18.11 19.67 4.02
CA GLY D 20 17.95 19.15 5.37
C GLY D 20 18.41 17.68 5.35
N ILE D 21 19.05 17.28 6.45
CA ILE D 21 19.43 15.89 6.67
C ILE D 21 18.79 15.57 8.03
N ILE D 22 17.92 14.56 8.06
CA ILE D 22 17.27 14.19 9.32
C ILE D 22 17.56 12.72 9.51
N HIS D 23 18.21 12.37 10.63
CA HIS D 23 18.62 10.98 10.76
C HIS D 23 18.16 10.31 12.04
N ALA D 24 17.95 9.01 11.93
CA ALA D 24 17.61 8.19 13.09
C ALA D 24 18.93 7.98 13.88
N ARG D 25 18.77 7.44 15.07
CA ARG D 25 19.94 7.27 15.95
C ARG D 25 20.27 5.83 16.27
N TRP D 26 19.55 4.85 15.78
CA TRP D 26 19.91 3.44 15.96
C TRP D 26 21.08 3.18 14.99
N ASN D 27 22.02 2.35 15.38
CA ASN D 27 23.17 2.06 14.52
C ASN D 27 23.92 3.35 14.21
N ARG D 28 24.16 4.13 15.25
CA ARG D 28 24.74 5.45 15.22
C ARG D 28 26.08 5.58 14.52
N VAL D 29 27.02 4.65 14.69
CA VAL D 29 28.30 4.80 13.99
C VAL D 29 28.10 4.75 12.48
N ILE D 30 27.21 3.90 12.01
CA ILE D 30 26.94 3.85 10.57
C ILE D 30 26.25 5.13 10.14
N ILE D 31 25.20 5.51 10.89
CA ILE D 31 24.48 6.76 10.57
C ILE D 31 25.43 7.93 10.36
N ASP D 32 26.30 8.15 11.36
CA ASP D 32 27.26 9.24 11.32
C ASP D 32 28.15 9.23 10.07
N ALA D 33 28.59 8.07 9.64
CA ALA D 33 29.42 7.97 8.43
C ALA D 33 28.59 8.33 7.20
N LEU D 34 27.33 7.89 7.15
CA LEU D 34 26.49 8.22 5.98
C LEU D 34 26.24 9.72 5.91
N VAL D 35 25.92 10.33 7.05
CA VAL D 35 25.69 11.77 7.13
C VAL D 35 26.92 12.56 6.69
N LYS D 36 28.09 12.19 7.23
CA LYS D 36 29.33 12.89 6.87
C LYS D 36 29.59 12.79 5.37
N GLY D 37 29.33 11.66 4.75
CA GLY D 37 29.52 11.50 3.31
C GLY D 37 28.56 12.37 2.51
N ALA D 38 27.30 12.43 2.93
CA ALA D 38 26.32 13.30 2.24
C ALA D 38 26.75 14.75 2.33
N ILE D 39 27.17 15.19 3.51
CA ILE D 39 27.63 16.54 3.74
C ILE D 39 28.84 16.88 2.84
N GLU D 40 29.86 16.03 2.89
CA GLU D 40 31.05 16.31 2.06
C GLU D 40 30.74 16.38 0.59
N ARG D 41 29.90 15.49 0.07
CA ARG D 41 29.56 15.56 -1.35
C ARG D 41 28.77 16.82 -1.66
N MET D 42 27.79 17.17 -0.79
CA MET D 42 27.06 18.42 -1.08
C MET D 42 27.96 19.64 -1.03
N ALA D 43 28.85 19.67 -0.03
CA ALA D 43 29.78 20.83 0.01
C ALA D 43 30.63 20.87 -1.25
N SER D 44 31.06 19.74 -1.79
CA SER D 44 31.85 19.67 -3.01
C SER D 44 31.07 20.19 -4.21
N LEU D 45 29.73 20.11 -4.16
CA LEU D 45 28.86 20.60 -5.22
C LEU D 45 28.43 22.02 -4.95
N GLY D 46 28.99 22.72 -3.96
CA GLY D 46 28.67 24.13 -3.76
C GLY D 46 27.71 24.43 -2.62
N VAL D 47 27.05 23.45 -2.02
CA VAL D 47 26.10 23.78 -0.94
C VAL D 47 26.83 24.42 0.23
N GLU D 48 26.37 25.58 0.70
CA GLU D 48 27.01 26.23 1.84
C GLU D 48 26.78 25.47 3.13
N GLU D 49 27.82 25.52 4.01
CA GLU D 49 27.72 24.79 5.28
C GLU D 49 26.58 25.31 6.13
N ASN D 50 26.30 26.60 6.10
CA ASN D 50 25.14 27.09 6.87
C ASN D 50 23.79 26.72 6.23
N ASN D 51 23.79 26.20 5.01
CA ASN D 51 22.56 25.79 4.33
C ASN D 51 22.37 24.29 4.39
N ILE D 52 23.09 23.61 5.28
CA ILE D 52 22.93 22.17 5.50
C ILE D 52 22.40 22.07 6.93
N ILE D 53 21.12 21.68 7.05
CA ILE D 53 20.48 21.68 8.36
C ILE D 53 20.32 20.25 8.90
N ILE D 54 20.82 19.97 10.10
CA ILE D 54 20.70 18.60 10.61
C ILE D 54 19.62 18.48 11.67
N GLU D 55 18.86 17.40 11.65
CA GLU D 55 17.84 17.15 12.67
C GLU D 55 17.90 15.66 12.97
N THR D 56 17.43 15.15 14.10
CA THR D 56 17.48 13.74 14.43
C THR D 56 16.12 13.25 14.97
N VAL D 57 15.90 11.97 14.91
CA VAL D 57 14.74 11.27 15.42
C VAL D 57 15.27 9.97 16.04
N PRO D 58 14.51 9.36 16.93
CA PRO D 58 14.95 8.15 17.58
C PRO D 58 15.17 6.99 16.62
N GLY D 59 14.15 6.59 15.86
CA GLY D 59 14.30 5.42 15.01
C GLY D 59 13.83 5.69 13.60
N SER D 60 14.10 4.76 12.68
CA SER D 60 13.73 4.98 11.27
C SER D 60 12.23 5.16 11.09
N TYR D 61 11.41 4.53 11.94
CA TYR D 61 9.95 4.71 11.78
C TYR D 61 9.57 6.17 11.96
N GLU D 62 10.26 6.93 12.80
CA GLU D 62 10.00 8.35 13.02
C GLU D 62 10.45 9.25 11.89
N LEU D 63 11.13 8.73 10.87
CA LEU D 63 11.60 9.59 9.78
C LEU D 63 10.48 10.29 8.99
N PRO D 64 9.43 9.63 8.59
CA PRO D 64 8.39 10.30 7.78
C PRO D 64 7.76 11.47 8.48
N TRP D 65 7.23 11.29 9.71
CA TRP D 65 6.57 12.41 10.39
C TRP D 65 7.60 13.43 10.88
N GLY D 66 8.77 12.93 11.30
CA GLY D 66 9.86 13.85 11.67
C GLY D 66 10.23 14.74 10.48
N THR D 67 10.32 14.18 9.30
CA THR D 67 10.65 14.93 8.09
C THR D 67 9.55 15.95 7.76
N LYS D 68 8.30 15.50 7.87
CA LYS D 68 7.17 16.42 7.62
C LYS D 68 7.30 17.62 8.54
N ARG D 69 7.47 17.40 9.85
CA ARG D 69 7.52 18.49 10.80
C ARG D 69 8.79 19.33 10.75
N PHE D 70 9.89 18.68 10.35
CA PHE D 70 11.16 19.40 10.13
C PHE D 70 10.96 20.40 9.00
N VAL D 71 10.33 19.96 7.91
CA VAL D 71 10.03 20.85 6.78
C VAL D 71 9.17 22.02 7.29
N ASP D 72 8.14 21.67 8.06
CA ASP D 72 7.27 22.72 8.61
C ASP D 72 8.06 23.74 9.42
N ARG D 73 8.88 23.29 10.36
CA ARG D 73 9.64 24.19 11.20
C ARG D 73 10.57 25.09 10.39
N GLN D 74 11.27 24.51 9.41
CA GLN D 74 12.18 25.30 8.59
C GLN D 74 11.43 26.37 7.82
N ALA D 75 10.27 26.00 7.28
CA ALA D 75 9.48 27.01 6.52
C ALA D 75 9.00 28.14 7.42
N LYS D 76 8.58 27.78 8.63
CA LYS D 76 8.04 28.75 9.58
C LYS D 76 9.11 29.69 10.08
N LEU D 77 10.36 29.20 10.12
CA LEU D 77 11.51 30.00 10.53
C LEU D 77 11.98 30.90 9.42
N GLY D 78 11.49 30.75 8.20
CA GLY D 78 11.94 31.60 7.10
C GLY D 78 13.21 31.01 6.47
N LYS D 79 13.48 29.73 6.72
CA LYS D 79 14.65 29.06 6.12
C LYS D 79 14.21 27.72 5.54
N PRO D 80 13.31 27.74 4.57
CA PRO D 80 12.73 26.55 4.03
C PRO D 80 13.76 25.65 3.33
N LEU D 81 13.51 24.34 3.42
CA LEU D 81 14.40 23.40 2.74
C LEU D 81 14.01 23.27 1.28
N ASP D 82 14.98 22.99 0.42
CA ASP D 82 14.70 22.77 -1.00
C ASP D 82 14.62 21.27 -1.25
N VAL D 83 15.24 20.50 -0.38
CA VAL D 83 15.32 19.05 -0.50
C VAL D 83 15.65 18.49 0.86
N VAL D 84 15.28 17.24 1.13
CA VAL D 84 15.61 16.64 2.43
C VAL D 84 16.07 15.20 2.24
N ILE D 85 17.02 14.80 3.07
CA ILE D 85 17.59 13.47 3.10
C ILE D 85 17.35 12.79 4.43
N PRO D 86 16.28 12.00 4.56
CA PRO D 86 16.04 11.21 5.76
C PRO D 86 17.01 10.01 5.69
N ILE D 87 17.72 9.78 6.79
CA ILE D 87 18.71 8.71 6.85
C ILE D 87 18.45 7.81 8.03
N GLY D 88 18.40 6.50 7.77
CA GLY D 88 18.17 5.55 8.85
C GLY D 88 18.89 4.25 8.46
N VAL D 89 19.19 3.46 9.47
CA VAL D 89 19.80 2.15 9.19
C VAL D 89 18.98 1.07 9.86
N LEU D 90 18.38 0.19 9.08
CA LEU D 90 17.58 -0.92 9.55
C LEU D 90 18.33 -2.22 9.27
N ILE D 91 18.46 -3.02 10.32
CA ILE D 91 19.17 -4.32 10.17
C ILE D 91 18.23 -5.41 10.61
N LYS D 92 18.04 -6.43 9.79
CA LYS D 92 17.18 -7.56 10.08
C LYS D 92 17.51 -8.23 11.43
N GLY D 93 16.46 -8.51 12.18
CA GLY D 93 16.61 -9.16 13.50
C GLY D 93 15.82 -10.45 13.42
N SER D 94 15.31 -11.07 14.48
CA SER D 94 14.57 -12.29 14.45
C SER D 94 13.07 -12.18 14.18
N THR D 95 12.52 -11.00 14.49
CA THR D 95 11.08 -10.86 14.27
C THR D 95 10.85 -10.30 12.87
N MET D 96 9.59 -9.95 12.61
CA MET D 96 9.28 -9.31 11.32
C MET D 96 9.31 -7.79 11.48
N HIS D 97 9.81 -7.28 12.58
CA HIS D 97 9.90 -5.84 12.74
C HIS D 97 10.64 -5.13 11.62
N PHE D 98 11.81 -5.69 11.26
CA PHE D 98 12.59 -5.11 10.19
C PHE D 98 11.73 -4.92 8.94
N GLU D 99 11.02 -5.98 8.55
CA GLU D 99 10.22 -5.91 7.33
C GLU D 99 9.09 -4.88 7.42
N TYR D 100 8.31 -4.92 8.50
CA TYR D 100 7.19 -3.98 8.62
C TYR D 100 7.67 -2.56 8.75
N ILE D 101 8.73 -2.27 9.51
CA ILE D 101 9.21 -0.89 9.57
C ILE D 101 9.77 -0.47 8.23
N SER D 102 10.62 -1.29 7.60
CA SER D 102 11.21 -0.92 6.32
C SER D 102 10.14 -0.64 5.28
N ASP D 103 9.15 -1.51 5.19
CA ASP D 103 8.10 -1.36 4.18
C ASP D 103 7.28 -0.10 4.40
N SER D 104 6.75 0.07 5.62
CA SER D 104 5.94 1.27 5.87
C SER D 104 6.75 2.55 5.77
N THR D 105 8.00 2.55 6.24
CA THR D 105 8.82 3.76 6.19
C THR D 105 9.15 4.10 4.73
N THR D 106 9.51 3.10 3.93
CA THR D 106 9.86 3.40 2.53
C THR D 106 8.67 3.99 1.78
N HIS D 107 7.52 3.35 1.87
CA HIS D 107 6.33 3.92 1.20
C HIS D 107 5.99 5.31 1.73
N ALA D 108 6.06 5.52 3.04
CA ALA D 108 5.74 6.81 3.63
C ALA D 108 6.67 7.91 3.14
N LEU D 109 8.00 7.63 3.07
CA LEU D 109 8.90 8.66 2.57
C LEU D 109 8.62 8.96 1.10
N MET D 110 8.37 7.95 0.30
CA MET D 110 8.07 8.14 -1.12
C MET D 110 6.83 9.03 -1.27
N ASN D 111 5.78 8.67 -0.55
CA ASN D 111 4.50 9.39 -0.63
C ASN D 111 4.54 10.74 0.06
N LEU D 112 5.52 11.00 0.92
CA LEU D 112 5.64 12.27 1.60
C LEU D 112 6.01 13.43 0.69
N GLN D 113 6.69 13.15 -0.44
CA GLN D 113 7.14 14.20 -1.33
C GLN D 113 6.03 15.13 -1.81
N GLU D 114 4.87 14.53 -2.10
CA GLU D 114 3.73 15.35 -2.52
C GLU D 114 3.29 16.28 -1.39
N LYS D 115 3.38 15.85 -0.16
CA LYS D 115 2.93 16.62 0.99
C LYS D 115 3.92 17.69 1.41
N VAL D 116 5.23 17.39 1.37
CA VAL D 116 6.21 18.44 1.71
C VAL D 116 6.56 19.24 0.46
N ASP D 117 6.07 18.82 -0.69
CA ASP D 117 6.28 19.50 -1.96
C ASP D 117 7.74 19.75 -2.28
N MET D 118 8.56 18.72 -2.12
CA MET D 118 10.00 18.77 -2.44
C MET D 118 10.48 17.34 -2.55
N PRO D 119 11.64 17.12 -3.19
CA PRO D 119 12.19 15.79 -3.26
C PRO D 119 12.64 15.33 -1.89
N VAL D 120 12.46 14.05 -1.62
CA VAL D 120 12.88 13.37 -0.40
C VAL D 120 13.77 12.21 -0.84
N ILE D 121 15.08 12.34 -0.57
CA ILE D 121 16.04 11.33 -1.03
C ILE D 121 15.96 10.10 -0.17
N PHE D 122 16.09 8.90 -0.75
CA PHE D 122 15.95 7.68 0.04
C PHE D 122 17.28 7.26 0.66
N GLY D 123 17.48 7.69 1.89
CA GLY D 123 18.69 7.39 2.64
C GLY D 123 18.49 6.35 3.73
N LEU D 124 17.64 5.35 3.52
CA LEU D 124 17.44 4.29 4.48
C LEU D 124 18.20 3.05 4.04
N LEU D 125 19.11 2.53 4.86
CA LEU D 125 19.71 1.24 4.55
C LEU D 125 18.78 0.17 5.11
N THR D 126 18.56 -0.91 4.37
CA THR D 126 17.70 -2.01 4.81
C THR D 126 18.53 -3.28 4.59
N CYS D 127 19.38 -3.57 5.56
CA CYS D 127 20.36 -4.63 5.44
C CYS D 127 20.02 -5.88 6.21
N MET D 128 20.61 -7.00 5.76
CA MET D 128 20.43 -8.28 6.44
C MET D 128 21.45 -8.38 7.55
N THR D 129 22.60 -7.74 7.43
CA THR D 129 23.63 -7.74 8.44
C THR D 129 24.20 -6.36 8.73
N GLU D 130 24.86 -6.20 9.88
CA GLU D 130 25.52 -4.96 10.20
C GLU D 130 26.72 -4.75 9.26
N GLU D 131 27.38 -5.87 8.92
CA GLU D 131 28.53 -5.80 8.01
C GLU D 131 28.12 -5.20 6.68
N GLN D 132 26.95 -5.56 6.17
CA GLN D 132 26.46 -4.98 4.92
C GLN D 132 26.29 -3.48 5.05
N ALA D 133 25.79 -3.01 6.19
CA ALA D 133 25.55 -1.58 6.42
C ALA D 133 26.87 -0.84 6.58
N LEU D 134 27.82 -1.48 7.27
CA LEU D 134 29.15 -0.84 7.37
C LEU D 134 29.73 -0.64 5.98
N ALA D 135 29.63 -1.67 5.15
CA ALA D 135 30.18 -1.58 3.80
C ALA D 135 29.50 -0.49 2.98
N ARG D 136 28.17 -0.36 3.15
CA ARG D 136 27.45 0.69 2.42
C ARG D 136 27.63 2.08 2.96
N ALA D 137 28.29 2.27 4.08
CA ALA D 137 28.65 3.54 4.65
C ALA D 137 30.17 3.75 4.49
N GLY D 138 30.83 2.86 3.77
CA GLY D 138 32.26 2.94 3.50
C GLY D 138 33.14 2.71 4.72
N ILE D 139 32.67 2.03 5.76
CA ILE D 139 33.43 1.83 6.98
C ILE D 139 33.63 0.37 7.36
N ASP D 140 33.54 -0.52 6.38
CA ASP D 140 33.83 -1.93 6.67
C ASP D 140 35.35 -2.02 6.69
N GLU D 141 35.86 -3.02 7.40
CA GLU D 141 37.32 -3.21 7.46
C GLU D 141 37.90 -3.34 6.06
N ALA D 142 37.25 -4.13 5.20
CA ALA D 142 37.73 -4.33 3.84
C ALA D 142 37.50 -3.18 2.88
N HIS D 143 36.70 -2.16 3.20
CA HIS D 143 36.40 -1.06 2.29
C HIS D 143 36.02 -1.61 0.92
N SER D 144 35.13 -2.58 0.94
CA SER D 144 34.66 -3.33 -0.19
C SER D 144 33.79 -2.56 -1.18
N MET D 145 33.11 -1.52 -0.71
CA MET D 145 32.22 -0.72 -1.57
C MET D 145 32.58 0.74 -1.46
N HIS D 146 31.67 1.61 -1.04
CA HIS D 146 31.93 3.03 -0.86
C HIS D 146 30.78 3.61 0.00
N ASN D 147 30.93 4.82 0.43
CA ASN D 147 29.89 5.45 1.28
C ASN D 147 28.72 5.91 0.43
N HIS D 148 27.58 5.25 0.55
CA HIS D 148 26.38 5.65 -0.21
C HIS D 148 25.84 7.00 0.18
N GLY D 149 26.17 7.48 1.39
CA GLY D 149 25.79 8.83 1.80
C GLY D 149 26.27 9.81 0.78
N GLU D 150 27.47 9.66 0.17
CA GLU D 150 27.87 10.56 -0.88
C GLU D 150 26.88 10.57 -2.04
N ASP D 151 26.39 9.42 -2.48
CA ASP D 151 25.44 9.37 -3.58
C ASP D 151 24.15 10.11 -3.18
N TRP D 152 23.77 9.94 -1.92
CA TRP D 152 22.50 10.64 -1.52
C TRP D 152 22.68 12.14 -1.54
N GLY D 153 23.85 12.63 -1.09
CA GLY D 153 24.13 14.06 -1.18
C GLY D 153 24.07 14.55 -2.63
N ALA D 154 24.69 13.82 -3.55
CA ALA D 154 24.67 14.20 -4.96
C ALA D 154 23.23 14.21 -5.49
N ALA D 155 22.45 13.20 -5.13
CA ALA D 155 21.07 13.13 -5.62
C ALA D 155 20.26 14.30 -5.04
N ALA D 156 20.48 14.70 -3.80
CA ALA D 156 19.75 15.81 -3.20
C ALA D 156 19.98 17.08 -4.00
N VAL D 157 21.25 17.33 -4.35
CA VAL D 157 21.58 18.52 -5.13
C VAL D 157 20.93 18.46 -6.51
N GLU D 158 21.05 17.35 -7.23
CA GLU D 158 20.46 17.27 -8.56
C GLU D 158 18.94 17.44 -8.51
N MET D 159 18.32 16.73 -7.55
CA MET D 159 16.84 16.81 -7.48
C MET D 159 16.39 18.22 -7.12
N ALA D 160 17.07 18.88 -6.19
CA ALA D 160 16.71 20.27 -5.89
C ALA D 160 16.94 21.23 -7.05
N VAL D 161 18.09 21.15 -7.72
CA VAL D 161 18.40 22.08 -8.79
C VAL D 161 17.53 21.86 -10.02
N LYS D 162 17.26 20.63 -10.41
CA LYS D 162 16.46 20.35 -11.59
C LYS D 162 14.96 20.36 -11.35
N PHE D 163 14.52 19.90 -10.16
CA PHE D 163 13.10 19.71 -9.92
C PHE D 163 12.57 20.38 -8.64
N GLY D 164 13.41 21.13 -7.93
CA GLY D 164 12.93 21.72 -6.67
C GLY D 164 11.75 22.65 -6.93
N LYS D 165 11.09 23.03 -5.87
CA LYS D 165 9.98 23.99 -5.94
C LYS D 165 10.41 25.27 -6.63
N ASN D 166 11.63 25.75 -6.36
CA ASN D 166 12.13 27.00 -6.94
C ASN D 166 12.87 26.86 -8.25
N ALA D 167 12.94 25.70 -8.84
CA ALA D 167 13.70 25.46 -10.06
C ALA D 167 13.08 26.07 -11.30
N PHE D 168 11.75 26.15 -11.33
CA PHE D 168 11.07 26.72 -12.49
C PHE D 168 9.69 27.16 -12.09
N ALA E 1 15.12 6.80 39.25
CA ALA E 1 16.32 7.30 39.89
C ALA E 1 17.28 7.89 38.84
N VAL E 2 16.79 7.98 37.62
CA VAL E 2 17.59 8.46 36.50
C VAL E 2 18.95 7.77 36.53
N LYS E 3 18.93 6.53 36.07
CA LYS E 3 20.11 5.67 36.03
C LYS E 3 20.76 5.76 34.62
N GLY E 4 19.90 6.01 33.61
CA GLY E 4 20.28 6.26 32.17
C GLY E 4 20.64 4.97 31.35
N LEU E 5 21.52 5.19 30.34
CA LEU E 5 22.12 4.10 29.51
C LEU E 5 21.88 4.20 27.95
N GLY E 6 20.64 4.41 27.52
CA GLY E 6 20.27 4.37 26.05
C GLY E 6 20.54 5.69 25.27
N LYS E 7 21.17 5.48 24.10
CA LYS E 7 21.53 6.52 23.09
C LYS E 7 21.50 7.94 23.66
N PRO E 8 22.45 8.84 23.28
CA PRO E 8 22.46 10.19 23.78
C PRO E 8 21.19 10.91 23.37
N ASP E 9 21.40 11.82 22.44
CA ASP E 9 20.34 12.67 21.88
C ASP E 9 19.54 13.36 22.97
N GLN E 10 20.14 14.42 23.44
CA GLN E 10 19.52 15.21 24.35
C GLN E 10 18.60 14.53 25.36
N VAL E 11 18.33 15.27 26.43
CA VAL E 11 17.42 14.82 27.48
C VAL E 11 16.13 15.61 27.24
N TYR E 12 15.00 14.97 26.96
CA TYR E 12 13.78 15.72 26.70
C TYR E 12 12.93 15.90 27.95
N ASP E 13 12.41 17.10 28.11
CA ASP E 13 11.54 17.37 29.26
C ASP E 13 10.08 17.22 28.79
N GLY E 14 9.39 16.20 29.28
CA GLY E 14 8.01 15.98 28.89
C GLY E 14 7.02 16.57 29.88
N SER E 15 7.44 17.51 30.76
CA SER E 15 6.52 18.00 31.77
C SER E 15 5.27 18.66 31.23
N LYS E 16 5.34 19.27 30.07
CA LYS E 16 4.16 19.94 29.52
C LYS E 16 3.37 19.10 28.54
N ILE E 17 3.71 17.81 28.32
CA ILE E 17 2.94 17.11 27.31
C ILE E 17 1.92 16.13 27.86
N ARG E 18 0.94 15.79 27.04
CA ARG E 18 -0.08 14.80 27.38
C ARG E 18 0.09 13.66 26.38
N VAL E 19 0.24 12.45 26.89
CA VAL E 19 0.47 11.31 26.00
C VAL E 19 -0.64 10.28 26.15
N GLY E 20 -1.12 9.77 25.04
CA GLY E 20 -2.10 8.69 25.13
C GLY E 20 -1.39 7.35 24.82
N ILE E 21 -1.82 6.32 25.53
CA ILE E 21 -1.38 4.97 25.27
C ILE E 21 -2.68 4.19 24.97
N ILE E 22 -2.75 3.61 23.80
CA ILE E 22 -3.96 2.84 23.49
C ILE E 22 -3.46 1.44 23.17
N HIS E 23 -3.96 0.44 23.92
CA HIS E 23 -3.42 -0.89 23.68
C HIS E 23 -4.48 -1.93 23.39
N ALA E 24 -4.09 -2.92 22.60
CA ALA E 24 -4.89 -4.09 22.30
C ALA E 24 -4.84 -5.01 23.51
N ARG E 25 -5.67 -6.03 23.53
CA ARG E 25 -5.75 -6.88 24.71
C ARG E 25 -5.39 -8.34 24.43
N TRP E 26 -5.02 -8.70 23.22
CA TRP E 26 -4.58 -10.08 22.95
C TRP E 26 -3.15 -10.18 23.49
N ASN E 27 -2.72 -11.30 24.06
CA ASN E 27 -1.37 -11.40 24.63
C ASN E 27 -1.18 -10.38 25.73
N ARG E 28 -2.16 -10.32 26.65
CA ARG E 28 -2.26 -9.33 27.69
C ARG E 28 -1.11 -9.26 28.65
N VAL E 29 -0.48 -10.38 29.03
CA VAL E 29 0.66 -10.24 29.96
C VAL E 29 1.80 -9.45 29.29
N ILE E 30 2.02 -9.68 28.01
CA ILE E 30 3.09 -8.96 27.29
C ILE E 30 2.71 -7.50 27.15
N ILE E 31 1.46 -7.28 26.70
CA ILE E 31 0.95 -5.89 26.59
C ILE E 31 1.18 -5.13 27.88
N ASP E 32 0.72 -5.67 29.02
CA ASP E 32 0.82 -4.96 30.28
C ASP E 32 2.25 -4.56 30.64
N ALA E 33 3.22 -5.42 30.34
CA ALA E 33 4.62 -5.11 30.64
C ALA E 33 5.11 -3.98 29.72
N LEU E 34 4.69 -4.03 28.44
CA LEU E 34 5.09 -2.98 27.51
C LEU E 34 4.54 -1.63 27.98
N VAL E 35 3.23 -1.61 28.31
CA VAL E 35 2.60 -0.37 28.77
C VAL E 35 3.27 0.17 30.03
N LYS E 36 3.54 -0.72 30.99
CA LYS E 36 4.16 -0.28 32.24
C LYS E 36 5.55 0.33 31.98
N GLY E 37 6.34 -0.24 31.08
CA GLY E 37 7.65 0.30 30.73
C GLY E 37 7.53 1.67 30.08
N ALA E 38 6.55 1.82 29.18
CA ALA E 38 6.35 3.12 28.53
C ALA E 38 5.99 4.15 29.58
N ILE E 39 5.09 3.81 30.51
CA ILE E 39 4.69 4.77 31.54
C ILE E 39 5.87 5.16 32.41
N GLU E 40 6.57 4.14 32.90
CA GLU E 40 7.74 4.42 33.76
C GLU E 40 8.75 5.32 33.09
N ARG E 41 9.09 5.07 31.82
CA ARG E 41 10.07 5.91 31.14
C ARG E 41 9.56 7.33 30.98
N MET E 42 8.28 7.46 30.61
CA MET E 42 7.75 8.83 30.44
C MET E 42 7.71 9.58 31.75
N ALA E 43 7.36 8.89 32.83
CA ALA E 43 7.35 9.52 34.16
C ALA E 43 8.77 9.98 34.52
N SER E 44 9.79 9.21 34.14
CA SER E 44 11.18 9.58 34.40
C SER E 44 11.61 10.79 33.59
N LEU E 45 10.92 11.04 32.46
CA LEU E 45 11.20 12.21 31.64
C LEU E 45 10.30 13.38 31.98
N GLY E 46 9.57 13.31 33.09
CA GLY E 46 8.76 14.44 33.52
C GLY E 46 7.30 14.47 33.14
N VAL E 47 6.81 13.51 32.37
CA VAL E 47 5.38 13.51 32.02
C VAL E 47 4.61 13.24 33.30
N GLU E 48 3.64 14.11 33.57
CA GLU E 48 2.82 13.97 34.76
C GLU E 48 1.89 12.78 34.64
N GLU E 49 1.66 12.13 35.79
CA GLU E 49 0.81 10.95 35.86
C GLU E 49 -0.60 11.23 35.36
N ASN E 50 -1.15 12.42 35.63
CA ASN E 50 -2.50 12.70 35.11
C ASN E 50 -2.51 13.06 33.63
N ASN E 51 -1.34 13.20 33.01
CA ASN E 51 -1.25 13.50 31.59
C ASN E 51 -0.87 12.25 30.78
N ILE E 52 -1.02 11.09 31.38
CA ILE E 52 -0.80 9.82 30.68
C ILE E 52 -2.20 9.17 30.64
N ILE E 53 -2.78 9.16 29.45
CA ILE E 53 -4.15 8.66 29.31
C ILE E 53 -4.18 7.28 28.69
N ILE E 54 -4.86 6.32 29.30
CA ILE E 54 -4.88 4.97 28.76
C ILE E 54 -6.22 4.59 28.13
N GLU E 55 -6.18 3.95 26.99
CA GLU E 55 -7.39 3.44 26.33
C GLU E 55 -7.10 2.05 25.78
N THR E 56 -8.09 1.21 25.51
CA THR E 56 -7.83 -0.15 25.06
C THR E 56 -8.74 -0.49 23.88
N VAL E 57 -8.33 -1.47 23.08
CA VAL E 57 -9.11 -2.00 21.97
C VAL E 57 -8.97 -3.53 22.03
N PRO E 58 -9.80 -4.28 21.35
CA PRO E 58 -9.75 -5.72 21.44
C PRO E 58 -8.46 -6.27 20.83
N GLY E 59 -8.23 -5.94 19.56
CA GLY E 59 -7.06 -6.52 18.88
C GLY E 59 -6.25 -5.46 18.15
N SER E 60 -5.04 -5.86 17.69
CA SER E 60 -4.18 -4.89 17.01
C SER E 60 -4.83 -4.26 15.77
N TYR E 61 -5.68 -4.99 15.05
CA TYR E 61 -6.35 -4.41 13.88
C TYR E 61 -7.20 -3.20 14.25
N GLU E 62 -7.73 -3.16 15.48
CA GLU E 62 -8.51 -2.01 15.93
C GLU E 62 -7.66 -0.82 16.37
N LEU E 63 -6.32 -0.94 16.36
CA LEU E 63 -5.53 0.19 16.80
C LEU E 63 -5.67 1.44 15.96
N PRO E 64 -5.61 1.39 14.64
CA PRO E 64 -5.67 2.59 13.84
C PRO E 64 -6.97 3.40 14.07
N TRP E 65 -8.12 2.76 13.91
CA TRP E 65 -9.38 3.54 14.07
C TRP E 65 -9.61 3.86 15.54
N GLY E 66 -9.19 2.96 16.43
CA GLY E 66 -9.28 3.23 17.87
C GLY E 66 -8.47 4.49 18.19
N THR E 67 -7.24 4.57 17.65
CA THR E 67 -6.40 5.73 17.91
C THR E 67 -7.03 6.99 17.32
N LYS E 68 -7.54 6.91 16.09
CA LYS E 68 -8.20 8.09 15.47
C LYS E 68 -9.30 8.61 16.40
N ARG E 69 -10.17 7.70 16.86
CA ARG E 69 -11.30 8.15 17.70
C ARG E 69 -10.92 8.49 19.12
N PHE E 70 -9.82 7.93 19.64
CA PHE E 70 -9.31 8.28 20.97
C PHE E 70 -8.80 9.70 20.90
N VAL E 71 -8.11 10.04 19.83
CA VAL E 71 -7.60 11.41 19.63
C VAL E 71 -8.80 12.36 19.55
N ASP E 72 -9.81 11.92 18.79
CA ASP E 72 -11.01 12.80 18.70
C ASP E 72 -11.64 13.04 20.06
N ARG E 73 -11.82 11.94 20.80
CA ARG E 73 -12.46 12.05 22.11
C ARG E 73 -11.71 12.97 23.04
N GLN E 74 -10.36 12.81 23.11
CA GLN E 74 -9.55 13.64 23.97
C GLN E 74 -9.62 15.11 23.56
N ALA E 75 -9.61 15.42 22.27
CA ALA E 75 -9.74 16.81 21.86
C ALA E 75 -11.14 17.38 22.21
N LYS E 76 -12.18 16.59 22.06
CA LYS E 76 -13.53 17.07 22.33
C LYS E 76 -13.74 17.32 23.80
N LEU E 77 -13.01 16.61 24.67
CA LEU E 77 -13.04 16.77 26.10
C LEU E 77 -12.22 17.96 26.60
N GLY E 78 -11.44 18.56 25.75
CA GLY E 78 -10.56 19.66 26.11
C GLY E 78 -9.26 19.19 26.74
N LYS E 79 -8.86 17.95 26.47
CA LYS E 79 -7.57 17.43 26.98
C LYS E 79 -6.84 16.72 25.82
N PRO E 80 -6.53 17.42 24.75
CA PRO E 80 -5.97 16.85 23.55
C PRO E 80 -4.61 16.21 23.82
N LEU E 81 -4.37 15.14 23.08
CA LEU E 81 -3.07 14.45 23.17
C LEU E 81 -2.04 15.17 22.31
N ASP E 82 -0.80 15.17 22.79
CA ASP E 82 0.32 15.71 22.00
C ASP E 82 0.99 14.57 21.23
N VAL E 83 0.77 13.34 21.63
CA VAL E 83 1.43 12.20 20.97
C VAL E 83 0.72 10.95 21.45
N VAL E 84 0.71 9.87 20.66
CA VAL E 84 0.00 8.67 21.09
C VAL E 84 0.85 7.44 20.78
N ILE E 85 0.72 6.46 21.66
CA ILE E 85 1.44 5.20 21.52
C ILE E 85 0.47 4.03 21.42
N PRO E 86 0.12 3.60 20.22
CA PRO E 86 -0.67 2.41 20.03
C PRO E 86 0.25 1.21 20.31
N ILE E 87 -0.24 0.30 21.12
CA ILE E 87 0.55 -0.88 21.49
C ILE E 87 -0.23 -2.15 21.25
N GLY E 88 0.39 -3.09 20.53
CA GLY E 88 -0.31 -4.35 20.27
C GLY E 88 0.76 -5.45 20.09
N VAL E 89 0.35 -6.67 20.28
CA VAL E 89 1.29 -7.80 20.18
C VAL E 89 0.70 -8.81 19.22
N LEU E 90 1.38 -8.99 18.11
CA LEU E 90 0.97 -9.95 17.09
C LEU E 90 1.99 -11.08 17.08
N ILE E 91 1.50 -12.31 17.17
CA ILE E 91 2.40 -13.48 17.17
C ILE E 91 1.95 -14.43 16.05
N LYS E 92 2.89 -14.81 15.20
CA LYS E 92 2.57 -15.66 14.06
C LYS E 92 1.90 -16.94 14.53
N GLY E 93 0.84 -17.33 13.83
CA GLY E 93 0.16 -18.60 14.13
C GLY E 93 0.34 -19.54 12.93
N SER E 94 -0.71 -20.30 12.59
CA SER E 94 -0.60 -21.21 11.46
C SER E 94 -1.02 -20.63 10.11
N THR E 95 -1.87 -19.60 10.12
CA THR E 95 -2.39 -19.04 8.89
C THR E 95 -1.62 -17.76 8.54
N MET E 96 -2.09 -17.03 7.55
CA MET E 96 -1.45 -15.80 7.13
C MET E 96 -2.09 -14.61 7.83
N HIS E 97 -2.98 -14.85 8.79
CA HIS E 97 -3.61 -13.76 9.50
C HIS E 97 -2.59 -12.80 10.10
N PHE E 98 -1.53 -13.38 10.69
CA PHE E 98 -0.51 -12.52 11.30
C PHE E 98 0.00 -11.52 10.30
N GLU E 99 0.43 -11.97 9.11
CA GLU E 99 0.99 -11.10 8.10
C GLU E 99 -0.02 -10.04 7.62
N TYR E 100 -1.24 -10.47 7.32
CA TYR E 100 -2.22 -9.47 6.83
C TYR E 100 -2.58 -8.44 7.87
N ILE E 101 -2.76 -8.85 9.14
CA ILE E 101 -3.03 -7.85 10.16
C ILE E 101 -1.81 -6.97 10.39
N SER E 102 -0.60 -7.58 10.54
CA SER E 102 0.57 -6.76 10.78
C SER E 102 0.79 -5.72 9.69
N ASP E 103 0.72 -6.15 8.45
CA ASP E 103 0.98 -5.25 7.31
C ASP E 103 -0.01 -4.10 7.25
N SER E 104 -1.31 -4.45 7.30
CA SER E 104 -2.29 -3.34 7.18
C SER E 104 -2.28 -2.46 8.42
N THR E 105 -2.06 -3.01 9.60
CA THR E 105 -2.02 -2.17 10.80
C THR E 105 -0.80 -1.26 10.76
N THR E 106 0.37 -1.82 10.39
CA THR E 106 1.55 -0.94 10.38
C THR E 106 1.38 0.21 9.42
N HIS E 107 0.98 -0.07 8.18
CA HIS E 107 0.78 1.03 7.23
C HIS E 107 -0.28 2.02 7.71
N ALA E 108 -1.38 1.49 8.30
CA ALA E 108 -2.43 2.42 8.75
C ALA E 108 -1.91 3.32 9.86
N LEU E 109 -1.15 2.80 10.84
CA LEU E 109 -0.65 3.65 11.91
C LEU E 109 0.30 4.69 11.35
N MET E 110 1.18 4.27 10.41
CA MET E 110 2.11 5.25 9.83
C MET E 110 1.35 6.38 9.15
N ASN E 111 0.37 6.03 8.32
CA ASN E 111 -0.41 6.98 7.55
C ASN E 111 -1.44 7.74 8.40
N LEU E 112 -1.68 7.30 9.62
CA LEU E 112 -2.63 7.99 10.50
C LEU E 112 -2.10 9.32 11.01
N GLN E 113 -0.74 9.47 11.07
CA GLN E 113 -0.15 10.65 11.67
C GLN E 113 -0.63 11.94 11.03
N GLU E 114 -0.75 11.95 9.71
CA GLU E 114 -1.23 13.14 9.01
C GLU E 114 -2.69 13.42 9.40
N LYS E 115 -3.47 12.39 9.59
CA LYS E 115 -4.89 12.53 9.95
C LYS E 115 -5.10 13.02 11.37
N VAL E 116 -4.38 12.48 12.35
CA VAL E 116 -4.50 12.92 13.73
C VAL E 116 -3.61 14.12 14.02
N ASP E 117 -2.76 14.49 13.08
CA ASP E 117 -1.86 15.61 13.17
C ASP E 117 -0.96 15.61 14.38
N MET E 118 -0.41 14.43 14.71
CA MET E 118 0.55 14.32 15.81
C MET E 118 1.37 13.06 15.56
N PRO E 119 2.48 12.90 16.26
CA PRO E 119 3.28 11.69 16.08
C PRO E 119 2.56 10.48 16.65
N VAL E 120 2.67 9.33 16.00
CA VAL E 120 2.09 8.08 16.46
C VAL E 120 3.28 7.08 16.57
N ILE E 121 3.64 6.74 17.77
CA ILE E 121 4.80 5.85 18.00
C ILE E 121 4.46 4.42 17.64
N PHE E 122 5.42 3.67 17.07
CA PHE E 122 5.11 2.32 16.63
C PHE E 122 5.33 1.32 17.74
N GLY E 123 4.27 1.00 18.48
CA GLY E 123 4.39 0.06 19.58
C GLY E 123 3.77 -1.30 19.25
N LEU E 124 3.87 -1.73 18.01
CA LEU E 124 3.29 -2.99 17.60
C LEU E 124 4.39 -4.05 17.52
N LEU E 125 4.35 -5.09 18.35
CA LEU E 125 5.32 -6.18 18.23
C LEU E 125 4.81 -7.12 17.16
N THR E 126 5.66 -7.55 16.24
CA THR E 126 5.27 -8.46 15.17
C THR E 126 6.26 -9.64 15.25
N CYS E 127 5.94 -10.57 16.15
CA CYS E 127 6.87 -11.65 16.46
C CYS E 127 6.51 -12.97 15.84
N MET E 128 7.55 -13.79 15.55
CA MET E 128 7.29 -15.11 15.00
C MET E 128 6.92 -16.05 16.15
N THR E 129 7.31 -15.74 17.38
CA THR E 129 7.01 -16.59 18.51
C THR E 129 6.69 -15.77 19.75
N GLU E 130 6.00 -16.43 20.67
CA GLU E 130 5.67 -15.83 21.96
C GLU E 130 6.94 -15.46 22.74
N GLU E 131 7.94 -16.37 22.70
CA GLU E 131 9.19 -16.04 23.41
C GLU E 131 9.84 -14.75 22.94
N GLN E 132 9.82 -14.50 21.65
CA GLN E 132 10.36 -13.26 21.09
C GLN E 132 9.63 -12.04 21.65
N ALA E 133 8.29 -12.20 21.73
CA ALA E 133 7.46 -11.10 22.25
C ALA E 133 7.77 -10.85 23.71
N LEU E 134 7.87 -11.95 24.51
CA LEU E 134 8.23 -11.79 25.92
C LEU E 134 9.57 -11.08 26.11
N ALA E 135 10.55 -11.50 25.31
CA ALA E 135 11.89 -10.94 25.43
C ALA E 135 11.90 -9.44 25.15
N ARG E 136 11.09 -9.03 24.17
CA ARG E 136 10.98 -7.62 23.82
C ARG E 136 10.14 -6.80 24.78
N ALA E 137 9.53 -7.42 25.78
CA ALA E 137 8.80 -6.74 26.84
C ALA E 137 9.56 -6.87 28.15
N GLY E 138 10.77 -7.45 28.06
CA GLY E 138 11.64 -7.61 29.20
C GLY E 138 11.20 -8.69 30.18
N ILE E 139 10.39 -9.64 29.76
CA ILE E 139 9.83 -10.62 30.69
C ILE E 139 10.08 -12.06 30.25
N ASP E 140 10.98 -12.32 29.31
CA ASP E 140 11.36 -13.70 28.98
C ASP E 140 12.17 -14.27 30.15
N GLU E 141 12.22 -15.59 30.29
CA GLU E 141 12.97 -16.20 31.39
C GLU E 141 14.45 -15.80 31.38
N ALA E 142 15.05 -15.73 30.22
CA ALA E 142 16.45 -15.36 30.10
C ALA E 142 16.76 -13.88 30.21
N HIS E 143 15.73 -12.99 30.16
CA HIS E 143 15.96 -11.56 30.18
C HIS E 143 17.02 -11.18 29.17
N SER E 144 16.77 -11.68 27.96
CA SER E 144 17.74 -11.60 26.86
C SER E 144 17.78 -10.27 26.14
N MET E 145 16.75 -9.45 26.34
CA MET E 145 16.73 -8.12 25.73
C MET E 145 16.39 -7.11 26.80
N HIS E 146 15.42 -6.25 26.53
CA HIS E 146 15.00 -5.21 27.44
C HIS E 146 13.54 -4.85 27.06
N ASN E 147 12.89 -4.11 27.94
CA ASN E 147 11.49 -3.77 27.65
C ASN E 147 11.43 -2.67 26.59
N HIS E 148 10.99 -3.00 25.39
CA HIS E 148 10.89 -2.01 24.32
C HIS E 148 9.84 -0.95 24.59
N GLY E 149 8.91 -1.21 25.52
CA GLY E 149 7.93 -0.21 25.94
C GLY E 149 8.65 1.03 26.43
N GLU E 150 9.79 0.89 27.14
CA GLU E 150 10.55 2.03 27.57
C GLU E 150 11.02 2.88 26.40
N ASP E 151 11.53 2.27 25.35
CA ASP E 151 12.00 3.00 24.18
C ASP E 151 10.83 3.79 23.56
N TRP E 152 9.66 3.16 23.56
CA TRP E 152 8.49 3.84 22.95
C TRP E 152 8.09 5.06 23.77
N GLY E 153 8.14 4.94 25.09
CA GLY E 153 7.87 6.10 25.95
C GLY E 153 8.85 7.21 25.67
N ALA E 154 10.16 6.89 25.59
CA ALA E 154 11.15 7.91 25.29
C ALA E 154 10.88 8.57 23.93
N ALA E 155 10.59 7.76 22.93
CA ALA E 155 10.33 8.32 21.59
C ALA E 155 9.08 9.22 21.61
N ALA E 156 8.07 8.83 22.40
CA ALA E 156 6.85 9.67 22.44
C ALA E 156 7.19 11.06 22.96
N VAL E 157 8.01 11.10 24.03
CA VAL E 157 8.38 12.41 24.60
C VAL E 157 9.18 13.23 23.61
N GLU E 158 10.20 12.61 23.02
CA GLU E 158 11.02 13.36 22.06
C GLU E 158 10.17 13.85 20.87
N MET E 159 9.40 12.95 20.30
CA MET E 159 8.62 13.41 19.11
C MET E 159 7.64 14.52 19.50
N ALA E 160 7.04 14.47 20.68
CA ALA E 160 6.09 15.54 21.05
C ALA E 160 6.80 16.86 21.30
N VAL E 161 7.92 16.79 22.04
CA VAL E 161 8.68 18.01 22.38
C VAL E 161 9.28 18.67 21.18
N LYS E 162 9.85 17.90 20.26
CA LYS E 162 10.53 18.46 19.10
C LYS E 162 9.62 18.73 17.92
N PHE E 163 8.61 17.89 17.70
CA PHE E 163 7.78 17.98 16.51
C PHE E 163 6.27 18.01 16.76
N GLY E 164 5.87 18.06 18.01
CA GLY E 164 4.39 18.04 18.23
C GLY E 164 3.73 19.30 17.67
N LYS E 165 2.39 19.25 17.61
CA LYS E 165 1.61 20.38 17.13
C LYS E 165 1.96 21.68 17.83
N ASN E 166 2.19 21.64 19.13
CA ASN E 166 2.48 22.81 19.91
C ASN E 166 3.96 23.10 20.06
N ALA E 167 4.86 22.36 19.40
CA ALA E 167 6.29 22.60 19.60
C ALA E 167 6.78 23.88 18.96
N PHE E 168 6.16 24.35 17.88
CA PHE E 168 6.58 25.55 17.17
C PHE E 168 5.41 26.06 16.31
#